data_8XYC
#
_entry.id   8XYC
#
_cell.length_a   1.00
_cell.length_b   1.00
_cell.length_c   1.00
_cell.angle_alpha   90.00
_cell.angle_beta   90.00
_cell.angle_gamma   90.00
#
_symmetry.space_group_name_H-M   'P 1'
#
loop_
_entity.id
_entity.type
_entity.pdbx_description
1 polymer 'DNA (35-MER)'
2 polymer 'DNA (35-MER)'
3 polymer dVemCas12e
4 polymer 'RNA (147-MER)'
#
loop_
_entity_poly.entity_id
_entity_poly.type
_entity_poly.pdbx_seq_one_letter_code
_entity_poly.pdbx_strand_id
1 'polydeoxyribonucleotide'
;(DG)(DG)(DA)(DT)(DC)(DG)(DT)(DT)(DC)(DA)(DC)(DC)(DA)(DG)(DG)(DG)(DT)(DG)(DT)(DC)
(DG)(DC)(DC)(DC)(DT)(DC)(DA)(DA)(DA)(DA)(DT)(DC)(DC)(DC)(DG)
;
B
2 'polydeoxyribonucleotide'
;(DC)(DG)(DG)(DG)(DA)(DT)(DT)(DT)(DT)(DG)(DA)(DG)(DG)(DG)(DC)(DG)(DA)(DC)(DA)(DC)
(DA)(DA)(DG)(DT)(DT)(DG)(DT)(DC)(DC)(DA)(DG)(DA)(DT)(DC)(DC)
;
D
3 'polypeptide(L)'
;MKTKNRSNSIHASLRQLLALGLSKSSSAEPQRITRTVKFKINTDIRPDLIPVLNRHFDFFEKFRRKVLAELEALWNKDQK
SFQAMVQCSAKKPYQKKTSCYAWLDTHFITEAKESLDLPRKPATSLLYNLSGGLKSFLTRRETVAEDIQKRFNDNLREWN
GDLSQLASDLKAPLPPAPPNLDFENLIEKAIEKYNDWVGRTRAWCNLILVQQKKVERRDACLPRYLKGYPGFFGSQRYAT
TAGLAENLKKLEQVAREQSKKMPTRFAKLTPEIWTAIQERFSPPEVCEAGEKRRPRTAHQTVCLRFAALRAAHPEWTPVQ
LAEEILAGIFRGAEKLKKHLAANGFTDRPAVIKLANLYNVAAAFSLDPIRAAGDYILFYEEETPKRNAFGDVRGGLHQPS
DESAAIEIMGFGLQKESGKPLYNGLLVCKKSEKEHDDSWAFLYCHTEGQTFELANEKAKLRGKLLTDWTGFASRGGSRKK
AEASAKQLARGRVWISEKTPPTVLPLAFGSRQGREYLWHFDRDLREKNEWVLGNGRLLRIMPPGQPNAADFYLAITLERQ
VPPLADIKAERFIGIARGEAIPAAYAVIDELGKLLASGKIAESYRKQQREFNDAKRELQRTQGGYTRWLRSKERNRARAL
SGEVTRAVLALAAEHRAPVVLANLNSSLAMRGGKKTMMSLMQYQPVQRALEQKFLEAGLWEAPKRKQKFPKKDNGFIKLI
DAWWTSRTCSQCGNTHSSEFYEKLGETLTHAPDEKWCVTVCERPFVLPDTYQYRFRGEDKVGNTNERLQSLLKGKQIKEL
TGKQREHLIEFLERLLSFRPQQANFRCLKCGYETNAAVQAALTIARKYLFELEHPPKKGEKDRRLKWQAWYQEKLRTVWK
;
A
4 'polyribonucleotide'
;GUUAGCUGUCUCUUCGGAGGCAGAUUUACUUUGAUUCUUUGCGCCUUUACGUCCCACGUAUUUGACGCAACUCGCGAACU
UCAGCGGUUCUUCGGAAUCGCUGACGCUCGCGGGGCUGGUUUCAAAGAGGGCGACACCCUGGUGAAC
;
C
#
loop_
_chem_comp.id
_chem_comp.type
_chem_comp.name
_chem_comp.formula
A RNA linking ADENOSINE-5'-MONOPHOSPHATE 'C10 H14 N5 O7 P'
C RNA linking CYTIDINE-5'-MONOPHOSPHATE 'C9 H14 N3 O8 P'
DA DNA linking 2'-DEOXYADENOSINE-5'-MONOPHOSPHATE 'C10 H14 N5 O6 P'
DC DNA linking 2'-DEOXYCYTIDINE-5'-MONOPHOSPHATE 'C9 H14 N3 O7 P'
DG DNA linking 2'-DEOXYGUANOSINE-5'-MONOPHOSPHATE 'C10 H14 N5 O7 P'
DT DNA linking THYMIDINE-5'-MONOPHOSPHATE 'C10 H15 N2 O8 P'
G RNA linking GUANOSINE-5'-MONOPHOSPHATE 'C10 H14 N5 O8 P'
U RNA linking URIDINE-5'-MONOPHOSPHATE 'C9 H13 N2 O9 P'
#
# COMPACT_ATOMS: atom_id res chain seq x y z
N ASN C 8 -20.47 9.97 -24.21
CA ASN C 8 -20.82 9.61 -22.86
C ASN C 8 -19.67 8.87 -22.16
N SER C 9 -18.91 8.15 -22.94
CA SER C 9 -17.74 7.39 -22.39
C SER C 9 -16.70 8.33 -21.92
N ILE C 10 -15.87 7.89 -21.02
CA ILE C 10 -14.67 8.69 -20.62
C ILE C 10 -13.87 8.99 -21.88
N HIS C 11 -13.57 8.01 -22.75
CA HIS C 11 -12.90 8.31 -24.00
C HIS C 11 -13.69 9.30 -24.87
N ALA C 12 -15.01 9.10 -24.96
CA ALA C 12 -15.81 9.97 -25.82
C ALA C 12 -15.78 11.41 -25.33
N SER C 13 -16.01 11.62 -24.03
CA SER C 13 -15.98 12.98 -23.51
C SER C 13 -14.55 13.51 -23.44
N LEU C 14 -13.56 12.64 -23.28
CA LEU C 14 -12.17 13.07 -23.35
C LEU C 14 -11.83 13.61 -24.73
N ARG C 15 -12.26 12.91 -25.77
CA ARG C 15 -12.04 13.39 -27.13
C ARG C 15 -12.82 14.67 -27.40
N GLN C 16 -14.05 14.75 -26.88
CA GLN C 16 -14.85 15.96 -27.04
C GLN C 16 -14.21 17.14 -26.32
N LEU C 17 -13.52 16.88 -25.20
CA LEU C 17 -12.79 17.92 -24.49
C LEU C 17 -11.47 18.27 -25.18
N LEU C 18 -10.85 17.29 -25.85
CA LEU C 18 -9.70 17.58 -26.71
C LEU C 18 -10.11 18.52 -27.83
N ALA C 19 -11.31 18.32 -28.39
CA ALA C 19 -11.80 19.17 -29.47
C ALA C 19 -11.77 20.65 -29.09
N LEU C 20 -11.62 20.98 -27.81
CA LEU C 20 -11.40 22.35 -27.37
C LEU C 20 -10.19 22.49 -26.45
N GLY C 21 -9.40 21.44 -26.30
CA GLY C 21 -8.15 21.54 -25.55
C GLY C 21 -6.98 21.78 -26.47
N LEU C 22 -6.94 21.06 -27.58
CA LEU C 22 -5.97 21.30 -28.64
C LEU C 22 -6.48 22.29 -29.68
N SER C 23 -7.68 22.85 -29.47
CA SER C 23 -8.25 23.85 -30.40
C SER C 23 -7.93 25.26 -29.91
N LYS C 24 -7.09 25.38 -28.88
CA LYS C 24 -6.70 26.67 -28.33
C LYS C 24 -5.39 27.14 -28.95
N SER C 25 -5.01 28.37 -28.63
CA SER C 25 -3.75 28.96 -29.06
C SER C 25 -3.01 29.45 -27.82
N SER C 26 -2.01 28.69 -27.39
CA SER C 26 -1.21 29.02 -26.22
C SER C 26 0.26 28.88 -26.55
N SER C 27 1.08 29.71 -25.89
CA SER C 27 2.52 29.70 -26.07
C SER C 27 3.24 28.81 -25.07
N ALA C 28 2.51 28.10 -24.22
CA ALA C 28 3.13 27.25 -23.22
C ALA C 28 3.73 26.00 -23.86
N GLU C 29 4.71 25.42 -23.16
CA GLU C 29 5.31 24.19 -23.63
C GLU C 29 4.36 23.01 -23.38
N PRO C 30 4.36 22.02 -24.27
CA PRO C 30 3.59 20.80 -23.98
C PRO C 30 4.14 20.09 -22.76
N GLN C 31 3.25 19.42 -22.04
CA GLN C 31 3.59 18.69 -20.84
C GLN C 31 3.55 17.20 -21.11
N ARG C 32 4.34 16.44 -20.35
CA ARG C 32 4.45 15.00 -20.55
C ARG C 32 3.47 14.26 -19.64
N ILE C 33 3.13 13.05 -20.04
CA ILE C 33 2.43 12.11 -19.17
C ILE C 33 3.14 10.76 -19.24
N THR C 34 3.34 10.16 -18.07
CA THR C 34 3.98 8.86 -17.95
C THR C 34 2.91 7.81 -17.66
N ARG C 35 2.87 6.77 -18.48
CA ARG C 35 1.84 5.74 -18.39
C ARG C 35 2.50 4.38 -18.59
N THR C 36 1.86 3.34 -18.06
CA THR C 36 2.35 1.98 -18.15
C THR C 36 1.35 1.12 -18.91
N VAL C 37 1.87 0.27 -19.82
CA VAL C 37 0.99 -0.57 -20.62
C VAL C 37 0.59 -1.83 -19.85
N LYS C 38 1.55 -2.45 -19.16
CA LYS C 38 1.32 -3.61 -18.30
C LYS C 38 0.80 -4.81 -19.10
N PHE C 39 1.68 -5.34 -19.95
CA PHE C 39 1.39 -6.59 -20.64
C PHE C 39 1.39 -7.77 -19.66
N LYS C 40 1.06 -8.94 -20.20
CA LYS C 40 1.13 -10.20 -19.48
C LYS C 40 2.02 -11.15 -20.27
N ILE C 41 2.95 -11.82 -19.58
CA ILE C 41 3.83 -12.77 -20.25
C ILE C 41 3.02 -14.03 -20.54
N ASN C 42 2.92 -14.38 -21.82
CA ASN C 42 2.11 -15.52 -22.24
C ASN C 42 2.84 -16.80 -21.85
N THR C 43 2.71 -17.16 -20.57
CA THR C 43 3.27 -18.41 -20.06
C THR C 43 2.34 -19.59 -20.28
N ASP C 44 1.10 -19.35 -20.71
CA ASP C 44 0.21 -20.46 -21.03
C ASP C 44 0.65 -21.15 -22.32
N ILE C 45 0.92 -20.38 -23.37
CA ILE C 45 1.31 -20.93 -24.66
C ILE C 45 2.82 -21.12 -24.80
N ARG C 46 3.60 -20.52 -23.90
CA ARG C 46 5.06 -20.68 -23.88
C ARG C 46 5.49 -21.01 -22.47
N PRO C 47 5.24 -22.24 -22.01
CA PRO C 47 5.50 -22.57 -20.59
C PRO C 47 6.95 -22.84 -20.26
N ASP C 48 7.81 -23.10 -21.26
CA ASP C 48 9.21 -23.37 -20.96
C ASP C 48 9.93 -22.17 -20.38
N LEU C 49 9.34 -20.98 -20.47
CA LEU C 49 9.92 -19.78 -19.86
C LEU C 49 9.74 -19.74 -18.36
N ILE C 50 8.85 -20.56 -17.80
CA ILE C 50 8.60 -20.52 -16.36
C ILE C 50 9.85 -20.87 -15.57
N PRO C 51 10.55 -21.99 -15.80
CA PRO C 51 11.78 -22.25 -15.04
C PRO C 51 12.86 -21.20 -15.26
N VAL C 52 12.99 -20.68 -16.48
CA VAL C 52 14.03 -19.69 -16.75
C VAL C 52 13.75 -18.40 -15.98
N LEU C 53 12.52 -17.90 -16.07
CA LEU C 53 12.15 -16.69 -15.35
C LEU C 53 12.29 -16.89 -13.86
N ASN C 54 11.89 -18.05 -13.35
CA ASN C 54 11.98 -18.34 -11.93
C ASN C 54 13.44 -18.38 -11.47
N ARG C 55 14.30 -19.02 -12.24
CA ARG C 55 15.72 -19.09 -11.87
C ARG C 55 16.36 -17.72 -11.89
N HIS C 56 16.04 -16.91 -12.89
CA HIS C 56 16.59 -15.55 -12.96
C HIS C 56 16.12 -14.73 -11.76
N PHE C 57 14.83 -14.82 -11.42
CA PHE C 57 14.32 -14.09 -10.27
C PHE C 57 14.93 -14.62 -8.97
N ASP C 58 15.29 -15.92 -8.94
CA ASP C 58 15.94 -16.49 -7.76
C ASP C 58 17.34 -15.94 -7.58
N PHE C 59 18.13 -15.87 -8.66
CA PHE C 59 19.44 -15.25 -8.57
C PHE C 59 19.32 -13.79 -8.15
N PHE C 60 18.33 -13.10 -8.72
CA PHE C 60 18.08 -11.71 -8.35
C PHE C 60 17.80 -11.56 -6.86
N GLU C 61 16.96 -12.44 -6.32
CA GLU C 61 16.60 -12.35 -4.90
C GLU C 61 17.76 -12.74 -4.00
N LYS C 62 18.55 -13.75 -4.40
CA LYS C 62 19.72 -14.11 -3.61
C LYS C 62 20.69 -12.94 -3.52
N PHE C 63 20.95 -12.29 -4.66
CA PHE C 63 21.87 -11.16 -4.66
C PHE C 63 21.30 -9.98 -3.88
N ARG C 64 19.99 -9.76 -3.99
CA ARG C 64 19.32 -8.69 -3.24
C ARG C 64 19.45 -8.92 -1.74
N ARG C 65 19.20 -10.14 -1.29
CA ARG C 65 19.32 -10.47 0.13
C ARG C 65 20.75 -10.33 0.61
N LYS C 66 21.72 -10.78 -0.19
CA LYS C 66 23.13 -10.68 0.21
C LYS C 66 23.55 -9.21 0.36
N VAL C 67 23.15 -8.39 -0.60
CA VAL C 67 23.51 -6.98 -0.55
C VAL C 67 22.80 -6.29 0.61
N LEU C 68 21.55 -6.68 0.89
CA LEU C 68 20.82 -6.08 2.00
C LEU C 68 21.40 -6.48 3.34
N ALA C 69 21.93 -7.70 3.45
CA ALA C 69 22.63 -8.10 4.66
C ALA C 69 23.81 -7.16 4.92
N GLU C 70 24.66 -6.95 3.91
CA GLU C 70 25.80 -6.06 4.14
C GLU C 70 25.36 -4.62 4.40
N LEU C 71 24.35 -4.14 3.67
CA LEU C 71 23.89 -2.77 3.86
C LEU C 71 23.31 -2.56 5.26
N GLU C 72 22.59 -3.54 5.77
CA GLU C 72 22.01 -3.41 7.11
C GLU C 72 23.08 -3.53 8.18
N ALA C 73 24.06 -4.41 7.99
CA ALA C 73 25.19 -4.45 8.92
C ALA C 73 25.92 -3.12 8.93
N LEU C 74 26.01 -2.46 7.77
CA LEU C 74 26.68 -1.16 7.69
C LEU C 74 25.85 -0.06 8.35
N TRP C 75 24.53 -0.10 8.17
CA TRP C 75 23.65 0.87 8.83
C TRP C 75 23.68 0.71 10.34
N ASN C 76 23.72 -0.54 10.82
CA ASN C 76 23.77 -0.80 12.26
C ASN C 76 25.15 -0.53 12.86
N LYS C 77 26.22 -0.67 12.08
CA LYS C 77 27.56 -0.41 12.60
C LYS C 77 27.71 1.04 13.02
N ASP C 78 27.62 1.96 12.06
CA ASP C 78 27.37 3.36 12.36
C ASP C 78 26.46 3.92 11.26
N GLN C 79 25.75 4.99 11.60
CA GLN C 79 24.71 5.50 10.72
C GLN C 79 25.13 6.74 9.94
N LYS C 80 26.14 7.47 10.42
CA LYS C 80 26.61 8.65 9.69
C LYS C 80 27.29 8.26 8.39
N SER C 81 28.08 7.18 8.39
CA SER C 81 28.71 6.72 7.16
C SER C 81 27.68 6.25 6.15
N PHE C 82 26.63 5.57 6.63
CA PHE C 82 25.54 5.15 5.74
C PHE C 82 24.82 6.36 5.15
N GLN C 83 24.55 7.38 5.98
CA GLN C 83 23.92 8.58 5.47
C GLN C 83 24.80 9.28 4.44
N ALA C 84 26.11 9.28 4.68
CA ALA C 84 27.04 9.88 3.72
C ALA C 84 27.05 9.11 2.41
N MET C 85 27.02 7.77 2.47
CA MET C 85 27.01 6.97 1.26
C MET C 85 25.74 7.21 0.45
N VAL C 86 24.59 7.17 1.12
CA VAL C 86 23.32 7.19 0.41
C VAL C 86 23.05 8.56 -0.22
N GLN C 87 23.57 9.63 0.38
CA GLN C 87 23.26 10.98 -0.06
C GLN C 87 24.48 11.72 -0.60
N CYS C 88 25.51 10.99 -1.05
CA CYS C 88 26.67 11.64 -1.60
C CYS C 88 26.35 12.23 -2.98
N SER C 89 26.82 13.45 -3.20
CA SER C 89 26.66 14.14 -4.47
C SER C 89 28.05 14.54 -4.98
N ALA C 90 28.08 15.16 -6.16
CA ALA C 90 29.35 15.62 -6.71
C ALA C 90 30.03 16.61 -5.77
N LYS C 91 29.24 17.49 -5.14
CA LYS C 91 29.77 18.40 -4.14
C LYS C 91 30.28 17.65 -2.92
N LYS C 92 29.53 16.62 -2.48
CA LYS C 92 29.80 15.90 -1.25
C LYS C 92 29.99 14.42 -1.58
N PRO C 93 31.11 14.05 -2.18
CA PRO C 93 31.31 12.65 -2.57
C PRO C 93 31.57 11.76 -1.36
N TYR C 94 31.39 10.46 -1.58
CA TYR C 94 31.64 9.45 -0.55
C TYR C 94 32.61 8.42 -1.12
N GLN C 95 33.86 8.47 -0.66
CA GLN C 95 34.91 7.56 -1.13
C GLN C 95 35.15 7.74 -2.63
N LYS C 96 35.31 9.00 -3.04
CA LYS C 96 35.55 9.36 -4.44
C LYS C 96 34.36 9.04 -5.34
N LYS C 97 33.18 8.83 -4.77
CA LYS C 97 31.97 8.54 -5.52
C LYS C 97 31.00 9.71 -5.43
N THR C 98 30.24 9.92 -6.49
CA THR C 98 29.39 11.09 -6.61
C THR C 98 27.90 10.79 -6.52
N SER C 99 27.53 9.51 -6.45
CA SER C 99 26.13 9.13 -6.23
C SER C 99 26.13 7.83 -5.43
N CYS C 100 24.98 7.56 -4.80
CA CYS C 100 24.83 6.31 -4.06
C CYS C 100 25.00 5.10 -4.95
N TYR C 101 24.37 5.14 -6.13
CA TYR C 101 24.38 4.01 -7.05
C TYR C 101 25.78 3.72 -7.60
N ALA C 102 26.59 4.76 -7.83
CA ALA C 102 27.97 4.55 -8.26
C ALA C 102 28.77 3.77 -7.21
N TRP C 103 28.69 4.24 -5.96
CA TRP C 103 29.37 3.57 -4.85
C TRP C 103 28.98 2.09 -4.81
N LEU C 104 27.66 1.84 -4.86
CA LEU C 104 27.17 0.48 -4.80
C LEU C 104 27.66 -0.36 -5.99
N ASP C 105 27.85 0.28 -7.15
CA ASP C 105 28.26 -0.49 -8.33
C ASP C 105 29.69 -0.99 -8.19
N THR C 106 30.59 -0.10 -7.75
CA THR C 106 31.97 -0.54 -7.54
C THR C 106 32.09 -1.55 -6.39
N HIS C 107 31.44 -1.26 -5.26
CA HIS C 107 31.54 -2.11 -4.07
C HIS C 107 30.98 -3.51 -4.31
N PHE C 108 29.84 -3.63 -4.97
CA PHE C 108 29.21 -4.93 -5.08
C PHE C 108 29.46 -5.61 -6.43
N ILE C 109 30.08 -4.94 -7.40
CA ILE C 109 30.34 -5.62 -8.66
C ILE C 109 31.82 -5.50 -9.03
N THR C 110 32.36 -4.27 -9.05
CA THR C 110 33.75 -4.11 -9.46
C THR C 110 34.69 -4.71 -8.42
N GLU C 111 34.48 -4.35 -7.16
CA GLU C 111 35.26 -4.85 -6.05
C GLU C 111 34.69 -6.13 -5.46
N ALA C 112 33.78 -6.79 -6.16
CA ALA C 112 33.28 -8.08 -5.72
C ALA C 112 34.42 -9.11 -5.77
N LYS C 113 34.49 -9.95 -4.73
CA LYS C 113 35.46 -11.03 -4.72
C LYS C 113 34.96 -12.23 -5.50
N GLU C 114 33.85 -12.82 -5.06
CA GLU C 114 33.27 -13.96 -5.74
C GLU C 114 32.41 -13.50 -6.91
N SER C 115 32.50 -14.23 -8.02
CA SER C 115 31.70 -13.90 -9.20
C SER C 115 30.22 -13.93 -8.84
N LEU C 116 29.52 -12.84 -9.14
CA LEU C 116 28.08 -12.79 -8.94
C LEU C 116 27.41 -13.80 -9.85
N ASP C 117 26.40 -14.50 -9.31
CA ASP C 117 25.62 -15.42 -10.12
C ASP C 117 24.63 -14.69 -11.02
N LEU C 118 24.37 -13.42 -10.74
CA LEU C 118 23.54 -12.57 -11.59
C LEU C 118 24.40 -11.92 -12.67
N PRO C 119 23.88 -11.79 -13.89
CA PRO C 119 24.59 -11.03 -14.92
C PRO C 119 24.65 -9.56 -14.54
N ARG C 120 25.66 -8.87 -15.09
CA ARG C 120 25.99 -7.55 -14.54
C ARG C 120 24.87 -6.54 -14.77
N LYS C 121 24.18 -6.60 -15.92
CA LYS C 121 23.13 -5.61 -16.16
C LYS C 121 21.97 -5.73 -15.18
N PRO C 122 21.39 -6.93 -14.94
CA PRO C 122 20.38 -7.03 -13.88
C PRO C 122 20.89 -6.64 -12.50
N ALA C 123 22.14 -7.00 -12.17
CA ALA C 123 22.69 -6.65 -10.86
C ALA C 123 22.81 -5.13 -10.71
N THR C 124 23.26 -4.47 -11.77
CA THR C 124 23.37 -3.02 -11.78
C THR C 124 22.01 -2.35 -11.66
N SER C 125 21.00 -2.89 -12.35
CA SER C 125 19.65 -2.33 -12.23
C SER C 125 19.09 -2.54 -10.82
N LEU C 126 19.40 -3.69 -10.21
CA LEU C 126 19.02 -3.91 -8.81
C LEU C 126 19.64 -2.86 -7.89
N LEU C 127 20.93 -2.59 -8.05
CA LEU C 127 21.55 -1.57 -7.21
C LEU C 127 20.96 -0.18 -7.51
N TYR C 128 20.58 0.08 -8.77
CA TYR C 128 19.96 1.37 -9.09
C TYR C 128 18.61 1.53 -8.40
N ASN C 129 17.77 0.49 -8.40
CA ASN C 129 16.51 0.56 -7.66
C ASN C 129 16.74 0.69 -6.16
N LEU C 130 17.70 -0.07 -5.65
CA LEU C 130 17.99 -0.08 -4.22
C LEU C 130 18.46 1.28 -3.72
N SER C 131 19.17 2.03 -4.58
CA SER C 131 19.58 3.38 -4.19
C SER C 131 18.37 4.25 -3.87
N GLY C 132 17.34 4.21 -4.73
CA GLY C 132 16.14 4.97 -4.47
C GLY C 132 15.41 4.49 -3.22
N GLY C 133 15.41 3.17 -3.00
CA GLY C 133 14.82 2.66 -1.76
C GLY C 133 15.49 3.22 -0.52
N LEU C 134 16.82 3.21 -0.50
CA LEU C 134 17.56 3.76 0.63
C LEU C 134 17.30 5.24 0.81
N LYS C 135 17.25 5.98 -0.30
CA LYS C 135 17.00 7.42 -0.21
C LYS C 135 15.63 7.71 0.38
N SER C 136 14.62 6.95 -0.03
CA SER C 136 13.29 7.11 0.56
C SER C 136 13.30 6.80 2.05
N PHE C 137 14.00 5.74 2.45
CA PHE C 137 14.08 5.39 3.86
C PHE C 137 14.70 6.52 4.69
N LEU C 138 15.79 7.11 4.18
CA LEU C 138 16.43 8.19 4.94
C LEU C 138 15.56 9.45 4.98
N THR C 139 14.93 9.81 3.86
CA THR C 139 14.03 10.97 3.87
C THR C 139 12.87 10.75 4.84
N ARG C 140 12.37 9.52 4.92
CA ARG C 140 11.27 9.22 5.84
C ARG C 140 11.73 9.33 7.29
N ARG C 141 12.92 8.82 7.62
CA ARG C 141 13.45 9.04 8.96
C ARG C 141 13.52 10.53 9.26
N GLU C 142 13.98 11.31 8.29
CA GLU C 142 14.13 12.75 8.50
C GLU C 142 12.80 13.41 8.83
N THR C 143 11.74 13.03 8.12
CA THR C 143 10.43 13.62 8.40
C THR C 143 9.80 13.08 9.67
N VAL C 144 10.03 11.82 10.00
CA VAL C 144 9.40 11.19 11.17
C VAL C 144 10.01 11.73 12.47
N ALA C 145 11.33 11.89 12.49
CA ALA C 145 12.03 12.19 13.74
C ALA C 145 11.47 13.44 14.43
N GLU C 146 11.04 14.43 13.64
CA GLU C 146 10.54 15.67 14.23
C GLU C 146 9.26 15.42 15.03
N ASP C 147 8.30 14.70 14.45
CA ASP C 147 7.07 14.42 15.16
C ASP C 147 7.32 13.50 16.35
N ILE C 148 8.22 12.53 16.20
CA ILE C 148 8.53 11.66 17.34
C ILE C 148 9.13 12.47 18.48
N GLN C 149 9.99 13.44 18.17
CA GLN C 149 10.53 14.30 19.22
C GLN C 149 9.43 15.15 19.86
N LYS C 150 8.46 15.59 19.05
CA LYS C 150 7.33 16.32 19.60
C LYS C 150 6.55 15.46 20.60
N ARG C 151 6.29 14.20 20.25
CA ARG C 151 5.60 13.31 21.18
C ARG C 151 6.44 13.07 22.44
N PHE C 152 7.75 12.91 22.27
CA PHE C 152 8.64 12.72 23.41
C PHE C 152 8.55 13.89 24.38
N ASN C 153 8.63 15.12 23.86
CA ASN C 153 8.56 16.30 24.70
C ASN C 153 7.18 16.45 25.35
N ASP C 154 6.12 16.13 24.59
CA ASP C 154 4.77 16.19 25.15
C ASP C 154 4.64 15.24 26.34
N ASN C 155 5.14 14.01 26.19
CA ASN C 155 5.12 13.06 27.29
C ASN C 155 5.90 13.58 28.48
N LEU C 156 7.10 14.13 28.22
CA LEU C 156 7.94 14.60 29.32
C LEU C 156 7.26 15.72 30.10
N ARG C 157 6.65 16.68 29.40
CA ARG C 157 5.99 17.77 30.09
C ARG C 157 4.68 17.34 30.75
N GLU C 158 4.04 16.29 30.25
CA GLU C 158 2.89 15.73 30.96
C GLU C 158 3.32 15.02 32.25
N TRP C 159 4.49 14.39 32.23
CA TRP C 159 5.01 13.61 33.34
C TRP C 159 5.75 14.45 34.38
N ASN C 160 5.48 15.75 34.45
CA ASN C 160 6.13 16.59 35.45
C ASN C 160 5.12 17.45 36.20
N GLY C 161 4.02 17.81 35.53
CA GLY C 161 3.07 18.73 36.15
C GLY C 161 1.61 18.34 36.01
N ASP C 162 1.31 17.31 35.22
CA ASP C 162 -0.06 16.88 35.03
C ASP C 162 -0.33 15.50 35.59
N LEU C 163 0.38 14.47 35.11
CA LEU C 163 0.18 13.14 35.64
C LEU C 163 0.78 13.00 37.04
N SER C 164 2.00 13.51 37.22
CA SER C 164 2.63 13.48 38.54
C SER C 164 1.80 14.26 39.56
N GLN C 165 1.34 15.45 39.17
CA GLN C 165 0.51 16.25 40.08
C GLN C 165 -0.79 15.54 40.40
N LEU C 166 -1.43 14.93 39.40
CA LEU C 166 -2.67 14.22 39.63
C LEU C 166 -2.46 13.05 40.59
N ALA C 167 -1.40 12.27 40.37
CA ALA C 167 -1.14 11.11 41.22
C ALA C 167 -0.81 11.53 42.65
N SER C 168 0.00 12.58 42.81
CA SER C 168 0.37 13.03 44.15
C SER C 168 -0.82 13.65 44.88
N ASP C 169 -1.71 14.32 44.15
CA ASP C 169 -2.91 14.91 44.75
C ASP C 169 -4.01 13.89 44.99
N LEU C 170 -3.87 12.66 44.47
CA LEU C 170 -4.86 11.62 44.69
C LEU C 170 -4.24 10.37 45.33
N LYS C 171 -3.06 10.52 45.92
CA LYS C 171 -2.40 9.52 46.76
C LYS C 171 -1.90 8.28 46.01
N ALA C 172 -2.17 8.17 44.73
CA ALA C 172 -1.69 7.01 43.99
C ALA C 172 -0.19 7.12 43.74
N PRO C 173 0.59 6.08 44.04
CA PRO C 173 2.02 6.15 43.75
C PRO C 173 2.28 6.24 42.26
N LEU C 174 3.37 6.92 41.92
CA LEU C 174 3.76 7.11 40.53
C LEU C 174 4.51 5.88 40.03
N PRO C 175 4.11 5.30 38.90
CA PRO C 175 4.88 4.18 38.33
C PRO C 175 6.25 4.65 37.86
N PRO C 176 7.08 3.74 37.31
CA PRO C 176 8.41 4.17 36.83
C PRO C 176 8.39 5.34 35.87
N ALA C 177 9.58 5.91 35.63
CA ALA C 177 9.75 7.10 34.81
C ALA C 177 10.04 6.73 33.37
N PRO C 178 9.96 7.68 32.44
CA PRO C 178 10.22 7.36 31.02
C PRO C 178 11.69 7.22 30.73
N PRO C 179 12.08 6.35 29.79
CA PRO C 179 13.49 6.24 29.39
C PRO C 179 13.95 7.40 28.51
N ASN C 180 15.13 7.28 27.89
CA ASN C 180 15.69 8.38 27.06
C ASN C 180 15.90 7.91 25.60
N LEU C 181 15.57 8.75 24.60
CA LEU C 181 15.65 8.35 23.17
C LEU C 181 17.02 8.59 22.46
N ASP C 182 17.98 9.31 23.04
CA ASP C 182 19.24 9.58 22.28
C ASP C 182 18.93 10.23 20.91
N PHE C 183 18.08 11.25 20.86
CA PHE C 183 17.61 11.86 19.59
C PHE C 183 18.65 12.21 18.51
N GLU C 184 19.88 12.65 18.84
CA GLU C 184 20.78 13.10 17.75
C GLU C 184 21.18 11.92 16.84
N ASN C 185 21.48 10.74 17.38
CA ASN C 185 21.70 9.55 16.54
C ASN C 185 20.52 8.62 16.82
N LEU C 186 19.34 8.96 16.34
CA LEU C 186 18.14 8.20 16.69
C LEU C 186 18.25 6.77 16.18
N ILE C 187 17.98 5.80 17.06
CA ILE C 187 18.11 4.39 16.74
C ILE C 187 16.82 3.68 17.13
N GLU C 188 16.56 2.56 16.46
CA GLU C 188 15.28 1.85 16.59
C GLU C 188 15.05 1.32 18.01
N LYS C 189 16.10 0.76 18.62
CA LYS C 189 15.92 0.06 19.88
C LYS C 189 15.54 1.00 21.02
N ALA C 190 16.11 2.20 21.04
CA ALA C 190 15.73 3.19 22.05
C ALA C 190 14.26 3.55 21.91
N ILE C 191 13.77 3.71 20.68
CA ILE C 191 12.36 3.99 20.45
C ILE C 191 11.50 2.86 20.98
N GLU C 192 11.93 1.60 20.75
CA GLU C 192 11.12 0.48 21.22
C GLU C 192 11.11 0.40 22.75
N LYS C 193 12.24 0.70 23.40
CA LYS C 193 12.26 0.75 24.87
C LYS C 193 11.27 1.80 25.37
N TYR C 194 11.31 2.99 24.79
CA TYR C 194 10.40 4.06 25.20
C TYR C 194 8.95 3.65 24.99
N ASN C 195 8.66 2.98 23.87
CA ASN C 195 7.29 2.57 23.59
C ASN C 195 6.82 1.50 24.57
N ASP C 196 7.73 0.60 24.98
CA ASP C 196 7.36 -0.38 26.00
C ASP C 196 6.98 0.30 27.30
N TRP C 197 7.76 1.31 27.71
CA TRP C 197 7.38 2.06 28.90
C TRP C 197 6.03 2.76 28.71
N VAL C 198 5.80 3.33 27.52
CA VAL C 198 4.55 4.04 27.26
C VAL C 198 3.37 3.09 27.44
N GLY C 199 3.48 1.88 26.89
CA GLY C 199 2.41 0.92 27.04
C GLY C 199 2.16 0.53 28.48
N ARG C 200 3.24 0.24 29.21
CA ARG C 200 3.07 -0.12 30.62
C ARG C 200 2.34 0.96 31.39
N THR C 201 2.76 2.22 31.20
CA THR C 201 2.14 3.28 31.97
C THR C 201 0.74 3.65 31.51
N ARG C 202 0.42 3.42 30.22
CA ARG C 202 -0.95 3.62 29.80
C ARG C 202 -1.89 2.57 30.39
N ALA C 203 -1.41 1.34 30.51
CA ALA C 203 -2.19 0.32 31.25
C ALA C 203 -2.38 0.74 32.71
N TRP C 204 -1.29 1.15 33.36
CA TRP C 204 -1.41 1.63 34.76
C TRP C 204 -2.48 2.71 34.84
N CYS C 205 -2.41 3.72 33.97
CA CYS C 205 -3.32 4.88 34.12
C CYS C 205 -4.78 4.48 33.95
N ASN C 206 -5.10 3.64 32.96
CA ASN C 206 -6.54 3.37 32.84
C ASN C 206 -7.05 2.64 34.10
N LEU C 207 -6.33 1.61 34.55
CA LEU C 207 -6.85 0.88 35.73
C LEU C 207 -6.81 1.72 37.00
N ILE C 208 -5.69 2.41 37.24
CA ILE C 208 -5.55 3.18 38.51
C ILE C 208 -6.52 4.34 38.58
N LEU C 209 -6.78 5.02 37.45
CA LEU C 209 -7.63 6.23 37.53
C LEU C 209 -8.95 6.05 36.78
N VAL C 210 -8.91 5.90 35.45
CA VAL C 210 -10.21 5.87 34.72
C VAL C 210 -11.06 4.66 35.15
N GLN C 211 -10.49 3.46 35.26
CA GLN C 211 -11.36 2.34 35.68
C GLN C 211 -11.82 2.61 37.11
N GLN C 212 -10.92 2.91 38.06
CA GLN C 212 -11.45 3.22 39.41
C GLN C 212 -10.35 3.50 40.43
N LYS C 213 -10.74 3.91 41.65
CA LYS C 213 -9.78 4.23 42.75
C LYS C 213 -9.26 5.65 42.55
N LYS C 214 -9.48 6.24 41.38
CA LYS C 214 -9.11 7.67 41.19
C LYS C 214 -10.27 8.40 40.54
N VAL C 215 -10.13 9.69 40.24
CA VAL C 215 -11.19 10.43 39.51
C VAL C 215 -11.33 9.82 38.11
N GLU C 216 -12.56 9.58 37.66
CA GLU C 216 -12.79 8.96 36.34
C GLU C 216 -12.66 10.03 35.23
N ARG C 217 -11.45 10.56 35.00
CA ARG C 217 -11.25 11.51 33.88
C ARG C 217 -10.73 10.69 32.72
N ARG C 218 -11.48 10.63 31.61
CA ARG C 218 -11.06 9.69 30.53
C ARG C 218 -9.58 9.88 30.18
N ASP C 219 -9.14 11.14 30.14
CA ASP C 219 -7.75 11.46 29.74
C ASP C 219 -6.77 10.68 30.62
N ALA C 220 -6.76 10.95 31.93
CA ALA C 220 -5.83 10.28 32.86
C ALA C 220 -4.37 10.51 32.41
N CYS C 221 -4.13 11.49 31.54
CA CYS C 221 -2.77 11.79 31.04
C CYS C 221 -2.13 10.51 30.47
N LEU C 222 -2.87 9.74 29.66
CA LEU C 222 -2.18 8.56 29.07
C LEU C 222 -1.10 9.04 28.09
N PRO C 223 0.20 8.69 28.25
CA PRO C 223 1.24 9.21 27.37
C PRO C 223 1.11 8.64 25.97
N ARG C 224 1.62 9.40 25.00
CA ARG C 224 1.49 9.04 23.59
C ARG C 224 2.59 8.08 23.18
N TYR C 225 2.29 7.26 22.18
CA TYR C 225 3.31 6.43 21.56
C TYR C 225 4.08 7.22 20.52
N LEU C 226 5.37 6.89 20.39
CA LEU C 226 6.20 7.43 19.32
C LEU C 226 6.03 6.53 18.10
N LYS C 227 5.51 7.09 17.02
CA LYS C 227 4.99 6.30 15.90
C LYS C 227 5.67 6.69 14.60
N GLY C 228 5.79 5.71 13.70
CA GLY C 228 6.12 5.99 12.31
C GLY C 228 7.57 5.80 11.90
N TYR C 229 8.45 5.42 12.82
CA TYR C 229 9.86 5.24 12.47
C TYR C 229 10.00 4.10 11.46
N PRO C 230 10.70 4.31 10.35
CA PRO C 230 10.66 3.32 9.26
C PRO C 230 11.54 2.10 9.50
N GLY C 231 11.18 1.00 8.83
CA GLY C 231 12.03 -0.20 8.88
C GLY C 231 13.10 -0.10 7.81
N PHE C 232 14.29 -0.65 8.08
CA PHE C 232 15.34 -0.67 7.03
C PHE C 232 14.75 -1.38 5.81
N PHE C 233 15.39 -1.24 4.66
CA PHE C 233 14.79 -1.83 3.45
C PHE C 233 14.69 -3.33 3.65
N GLY C 234 13.56 -3.94 3.30
CA GLY C 234 13.44 -5.41 3.38
C GLY C 234 13.22 -5.98 4.78
N SER C 235 13.27 -5.16 5.84
CA SER C 235 13.16 -5.78 7.20
C SER C 235 11.91 -6.65 7.27
N GLN C 236 10.76 -6.10 6.91
CA GLN C 236 9.50 -6.81 6.90
C GLN C 236 9.38 -7.75 5.71
N ARG C 237 9.95 -7.35 4.57
CA ARG C 237 9.83 -8.14 3.34
C ARG C 237 10.45 -9.52 3.49
N TYR C 238 11.61 -9.60 4.15
CA TYR C 238 12.37 -10.84 4.25
C TYR C 238 12.44 -11.37 5.68
N ALA C 239 11.43 -11.09 6.49
CA ALA C 239 11.32 -11.67 7.83
C ALA C 239 10.59 -12.99 7.71
N THR C 240 11.32 -14.09 7.91
CA THR C 240 10.78 -15.42 7.68
C THR C 240 9.84 -15.85 8.81
N THR C 241 8.76 -16.53 8.45
CA THR C 241 7.82 -17.10 9.40
C THR C 241 7.65 -18.58 9.11
N ALA C 242 7.59 -19.38 10.17
CA ALA C 242 7.49 -20.82 10.00
C ALA C 242 6.15 -21.19 9.37
N GLY C 243 6.05 -22.45 8.94
CA GLY C 243 4.80 -22.95 8.42
C GLY C 243 3.79 -23.20 9.52
N LEU C 244 2.57 -23.53 9.11
CA LEU C 244 1.53 -23.83 10.09
C LEU C 244 1.89 -25.06 10.91
N ALA C 245 2.41 -26.10 10.25
CA ALA C 245 2.73 -27.33 10.95
C ALA C 245 3.78 -27.10 12.04
N GLU C 246 4.81 -26.31 11.75
CA GLU C 246 5.86 -26.06 12.72
C GLU C 246 5.34 -25.27 13.91
N ASN C 247 4.49 -24.27 13.65
CA ASN C 247 3.89 -23.51 14.74
C ASN C 247 3.01 -24.40 15.60
N LEU C 248 2.29 -25.34 14.99
CA LEU C 248 1.49 -26.29 15.76
C LEU C 248 2.39 -27.18 16.61
N LYS C 249 3.53 -27.60 16.08
CA LYS C 249 4.47 -28.41 16.87
C LYS C 249 5.00 -27.62 18.07
N LYS C 250 5.35 -26.35 17.84
CA LYS C 250 5.83 -25.52 18.94
C LYS C 250 4.75 -25.35 20.01
N LEU C 251 3.51 -25.09 19.59
CA LEU C 251 2.40 -24.98 20.53
C LEU C 251 2.20 -26.28 21.29
N GLU C 252 2.31 -27.42 20.59
CA GLU C 252 2.17 -28.72 21.24
C GLU C 252 3.19 -28.90 22.35
N GLN C 253 4.46 -28.69 22.04
CA GLN C 253 5.51 -28.91 23.03
C GLN C 253 5.37 -27.92 24.19
N VAL C 254 4.99 -26.67 23.90
CA VAL C 254 4.80 -25.70 24.97
C VAL C 254 3.69 -26.15 25.91
N ALA C 255 2.56 -26.57 25.34
CA ALA C 255 1.43 -27.00 26.16
C ALA C 255 1.79 -28.23 27.00
N ARG C 256 2.51 -29.18 26.39
CA ARG C 256 2.92 -30.37 27.14
C ARG C 256 3.85 -30.00 28.28
N GLU C 257 4.80 -29.09 28.03
CA GLU C 257 5.73 -28.66 29.06
C GLU C 257 5.01 -27.93 30.18
N GLN C 258 3.93 -27.21 29.85
CA GLN C 258 3.15 -26.57 30.90
C GLN C 258 2.30 -27.56 31.68
N SER C 259 1.86 -28.64 31.03
CA SER C 259 1.05 -29.64 31.68
C SER C 259 1.85 -30.69 32.44
N LYS C 260 3.18 -30.73 32.24
CA LYS C 260 4.02 -31.62 33.03
C LYS C 260 4.40 -31.02 34.38
N LYS C 261 4.23 -29.70 34.55
CA LYS C 261 4.40 -29.04 35.83
C LYS C 261 3.09 -28.89 36.59
N MET C 262 1.97 -29.32 36.00
CA MET C 262 0.67 -29.12 36.61
C MET C 262 0.51 -29.80 37.97
N PRO C 263 0.84 -31.09 38.14
CA PRO C 263 0.57 -31.73 39.44
C PRO C 263 1.27 -31.05 40.60
N THR C 264 2.46 -30.50 40.37
CA THR C 264 3.14 -29.74 41.42
C THR C 264 2.30 -28.55 41.86
N ARG C 265 1.67 -27.87 40.91
CA ARG C 265 0.84 -26.71 41.24
C ARG C 265 -0.48 -27.11 41.88
N PHE C 266 -1.03 -28.26 41.51
CA PHE C 266 -2.31 -28.69 42.07
C PHE C 266 -2.17 -29.40 43.41
N ALA C 267 -0.99 -29.90 43.75
CA ALA C 267 -0.82 -30.61 45.02
C ALA C 267 -0.79 -29.68 46.22
N LYS C 268 -0.72 -28.37 46.02
CA LYS C 268 -0.56 -27.40 47.11
C LYS C 268 -1.66 -26.35 47.05
N LEU C 269 -2.90 -26.80 46.91
CA LEU C 269 -4.03 -25.90 46.75
C LEU C 269 -4.68 -25.61 48.09
N THR C 270 -4.81 -24.32 48.41
CA THR C 270 -5.61 -23.90 49.53
C THR C 270 -7.09 -23.95 49.15
N PRO C 271 -7.99 -24.06 50.13
CA PRO C 271 -9.42 -24.07 49.79
C PRO C 271 -9.88 -22.83 49.03
N GLU C 272 -9.33 -21.66 49.35
CA GLU C 272 -9.74 -20.44 48.66
C GLU C 272 -9.30 -20.46 47.20
N ILE C 273 -8.05 -20.86 46.95
CA ILE C 273 -7.55 -20.92 45.59
C ILE C 273 -8.32 -21.97 44.79
N TRP C 274 -8.65 -23.09 45.42
CA TRP C 274 -9.42 -24.12 44.73
C TRP C 274 -10.82 -23.61 44.39
N THR C 275 -11.45 -22.88 45.31
CA THR C 275 -12.74 -22.27 45.01
C THR C 275 -12.63 -21.30 43.84
N ALA C 276 -11.57 -20.51 43.81
CA ALA C 276 -11.38 -19.57 42.70
C ALA C 276 -11.18 -20.31 41.38
N ILE C 277 -10.43 -21.41 41.40
CA ILE C 277 -10.23 -22.21 40.19
C ILE C 277 -11.54 -22.81 39.71
N GLN C 278 -12.39 -23.22 40.65
CA GLN C 278 -13.72 -23.71 40.28
C GLN C 278 -14.57 -22.58 39.70
N GLU C 279 -14.42 -21.37 40.24
CA GLU C 279 -15.19 -20.23 39.72
C GLU C 279 -14.75 -19.88 38.30
N ARG C 280 -13.45 -19.91 38.03
CA ARG C 280 -12.95 -19.60 36.70
C ARG C 280 -13.53 -20.54 35.65
N PHE C 281 -13.79 -21.79 36.00
CA PHE C 281 -14.35 -22.77 35.09
C PHE C 281 -15.78 -23.15 35.46
N SER C 282 -16.51 -22.20 36.05
CA SER C 282 -17.93 -22.38 36.30
C SER C 282 -18.71 -22.06 35.05
N PRO C 283 -19.56 -22.98 34.53
CA PRO C 283 -20.28 -22.73 33.28
C PRO C 283 -21.15 -21.48 33.29
N THR C 297 -15.14 -22.55 22.51
CA THR C 297 -15.77 -23.85 22.66
C THR C 297 -14.91 -24.77 23.52
N ALA C 298 -13.60 -24.70 23.31
CA ALA C 298 -12.67 -25.52 24.09
C ALA C 298 -12.75 -25.19 25.57
N HIS C 299 -12.76 -23.90 25.91
CA HIS C 299 -12.89 -23.50 27.30
C HIS C 299 -14.22 -23.99 27.87
N GLN C 300 -15.32 -23.77 27.13
CA GLN C 300 -16.64 -24.12 27.64
C GLN C 300 -16.82 -25.64 27.74
N THR C 301 -16.32 -26.39 26.74
CA THR C 301 -16.44 -27.84 26.83
C THR C 301 -15.63 -28.39 27.99
N VAL C 302 -14.43 -27.83 28.23
CA VAL C 302 -13.64 -28.28 29.36
C VAL C 302 -14.35 -27.93 30.67
N CYS C 303 -15.01 -26.77 30.71
CA CYS C 303 -15.81 -26.43 31.89
C CYS C 303 -16.92 -27.43 32.13
N LEU C 304 -17.60 -27.84 31.05
CA LEU C 304 -18.68 -28.82 31.18
C LEU C 304 -18.16 -30.14 31.72
N ARG C 305 -17.04 -30.62 31.18
CA ARG C 305 -16.46 -31.85 31.72
C ARG C 305 -15.99 -31.65 33.16
N PHE C 306 -15.55 -30.44 33.50
CA PHE C 306 -15.13 -30.13 34.86
C PHE C 306 -16.29 -30.29 35.82
N ALA C 307 -17.45 -29.75 35.46
CA ALA C 307 -18.65 -29.91 36.28
C ALA C 307 -19.07 -31.38 36.36
N ALA C 308 -18.98 -32.10 35.24
CA ALA C 308 -19.36 -33.51 35.23
C ALA C 308 -18.50 -34.31 36.19
N LEU C 309 -17.18 -34.09 36.16
CA LEU C 309 -16.27 -34.84 37.01
C LEU C 309 -16.32 -34.36 38.47
N ARG C 310 -16.71 -33.11 38.71
CA ARG C 310 -16.94 -32.67 40.08
C ARG C 310 -18.16 -33.35 40.67
N ALA C 311 -19.25 -33.40 39.92
CA ALA C 311 -20.48 -34.01 40.44
C ALA C 311 -20.35 -35.52 40.57
N ALA C 312 -19.75 -36.18 39.58
CA ALA C 312 -19.70 -37.63 39.58
C ALA C 312 -18.70 -38.17 40.60
N HIS C 313 -17.63 -37.43 40.88
CA HIS C 313 -16.58 -37.86 41.80
C HIS C 313 -16.32 -36.74 42.81
N PRO C 314 -17.18 -36.59 43.82
CA PRO C 314 -16.87 -35.64 44.90
C PRO C 314 -15.78 -36.13 45.83
N GLU C 315 -15.37 -37.39 45.72
CA GLU C 315 -14.37 -37.98 46.60
C GLU C 315 -12.98 -37.95 45.99
N TRP C 316 -12.69 -36.97 45.15
CA TRP C 316 -11.41 -36.86 44.46
C TRP C 316 -10.74 -35.53 44.80
N THR C 317 -9.44 -35.59 45.05
CA THR C 317 -8.65 -34.38 45.25
C THR C 317 -8.52 -33.62 43.94
N PRO C 318 -8.30 -32.30 43.99
CA PRO C 318 -8.20 -31.53 42.75
C PRO C 318 -7.10 -32.01 41.82
N VAL C 319 -6.02 -32.60 42.36
CA VAL C 319 -4.93 -33.09 41.53
C VAL C 319 -5.44 -34.13 40.55
N GLN C 320 -6.25 -35.07 41.04
CA GLN C 320 -6.75 -36.16 40.21
C GLN C 320 -7.68 -35.64 39.12
N LEU C 321 -8.50 -34.65 39.44
CA LEU C 321 -9.38 -34.04 38.46
C LEU C 321 -8.60 -33.33 37.37
N ALA C 322 -7.59 -32.54 37.76
CA ALA C 322 -6.77 -31.86 36.77
C ALA C 322 -6.03 -32.84 35.87
N GLU C 323 -5.48 -33.90 36.47
CA GLU C 323 -4.76 -34.91 35.69
C GLU C 323 -5.69 -35.56 34.66
N GLU C 324 -6.88 -35.98 35.09
CA GLU C 324 -7.81 -36.59 34.15
C GLU C 324 -8.26 -35.61 33.07
N ILE C 325 -8.55 -34.37 33.45
CA ILE C 325 -9.03 -33.39 32.48
C ILE C 325 -7.97 -33.14 31.41
N LEU C 326 -6.72 -32.95 31.83
CA LEU C 326 -5.67 -32.71 30.84
C LEU C 326 -5.38 -33.94 30.00
N ALA C 327 -5.51 -35.14 30.58
CA ALA C 327 -5.41 -36.35 29.77
C ALA C 327 -6.46 -36.37 28.69
N GLY C 328 -7.69 -36.01 29.03
CA GLY C 328 -8.75 -35.95 28.02
C GLY C 328 -8.48 -34.91 26.95
N ILE C 329 -8.06 -33.72 27.36
CA ILE C 329 -7.78 -32.65 26.40
C ILE C 329 -6.72 -33.09 25.41
N PHE C 330 -5.63 -33.67 25.93
CA PHE C 330 -4.55 -34.08 25.06
C PHE C 330 -4.89 -35.32 24.23
N ARG C 331 -5.86 -36.14 24.66
CA ARG C 331 -6.33 -37.21 23.79
C ARG C 331 -7.13 -36.65 22.61
N GLY C 332 -7.94 -35.63 22.87
CA GLY C 332 -8.57 -34.93 21.76
C GLY C 332 -7.57 -34.30 20.82
N ALA C 333 -6.52 -33.70 21.37
CA ALA C 333 -5.45 -33.17 20.52
C ALA C 333 -4.80 -34.29 19.72
N GLU C 334 -4.66 -35.47 20.31
CA GLU C 334 -4.12 -36.61 19.58
C GLU C 334 -4.95 -36.93 18.35
N LYS C 335 -6.28 -37.02 18.50
CA LYS C 335 -7.10 -37.35 17.33
C LYS C 335 -7.09 -36.20 16.31
N LEU C 336 -7.18 -34.96 16.79
CA LEU C 336 -7.14 -33.80 15.88
C LEU C 336 -5.87 -33.82 15.04
N LYS C 337 -4.72 -34.01 15.68
CA LYS C 337 -3.47 -33.95 14.94
C LYS C 337 -3.24 -35.19 14.09
N LYS C 338 -3.80 -36.34 14.49
CA LYS C 338 -3.77 -37.50 13.61
C LYS C 338 -4.52 -37.20 12.32
N HIS C 339 -5.70 -36.60 12.44
CA HIS C 339 -6.46 -36.15 11.28
C HIS C 339 -5.66 -35.15 10.45
N LEU C 340 -5.00 -34.20 11.11
CA LEU C 340 -4.22 -33.20 10.37
C LEU C 340 -3.11 -33.85 9.58
N ALA C 341 -2.37 -34.78 10.20
CA ALA C 341 -1.27 -35.43 9.52
C ALA C 341 -1.74 -36.30 8.36
N ALA C 342 -2.89 -36.97 8.53
CA ALA C 342 -3.39 -37.86 7.50
C ALA C 342 -4.23 -37.15 6.44
N ASN C 343 -4.54 -35.86 6.63
CA ASN C 343 -5.36 -35.14 5.66
C ASN C 343 -4.87 -33.71 5.44
N GLY C 344 -3.62 -33.41 5.77
CA GLY C 344 -3.07 -32.11 5.48
C GLY C 344 -3.55 -31.02 6.42
N PHE C 345 -2.82 -29.90 6.42
CA PHE C 345 -3.11 -28.78 7.30
C PHE C 345 -4.02 -27.74 6.66
N THR C 346 -4.91 -28.18 5.77
CA THR C 346 -5.86 -27.32 5.10
C THR C 346 -7.29 -27.47 5.63
N ASP C 347 -7.53 -28.39 6.55
CA ASP C 347 -8.82 -28.51 7.22
C ASP C 347 -8.82 -27.54 8.39
N ARG C 348 -9.10 -26.28 8.08
CA ARG C 348 -8.94 -25.22 9.06
C ARG C 348 -9.91 -25.35 10.24
N PRO C 349 -11.09 -25.98 10.13
CA PRO C 349 -11.85 -26.30 11.37
C PRO C 349 -11.05 -27.16 12.34
N ALA C 350 -10.40 -28.20 11.82
CA ALA C 350 -9.57 -29.05 12.67
C ALA C 350 -8.43 -28.26 13.27
N VAL C 351 -7.80 -27.39 12.49
CA VAL C 351 -6.69 -26.59 12.99
C VAL C 351 -7.16 -25.67 14.11
N ILE C 352 -8.32 -25.04 13.92
CA ILE C 352 -8.86 -24.14 14.93
C ILE C 352 -9.11 -24.90 16.24
N LYS C 353 -9.73 -26.08 16.15
CA LYS C 353 -9.98 -26.84 17.37
C LYS C 353 -8.69 -27.32 18.02
N LEU C 354 -7.70 -27.75 17.23
CA LEU C 354 -6.45 -28.24 17.83
C LEU C 354 -5.70 -27.12 18.53
N ALA C 355 -5.60 -25.96 17.87
CA ALA C 355 -4.99 -24.80 18.50
C ALA C 355 -5.70 -24.47 19.81
N ASN C 356 -7.05 -24.46 19.77
CA ASN C 356 -7.81 -24.13 20.97
C ASN C 356 -7.60 -25.17 22.06
N LEU C 357 -7.43 -26.44 21.69
CA LEU C 357 -7.20 -27.49 22.68
C LEU C 357 -5.88 -27.27 23.41
N TYR C 358 -4.81 -26.99 22.66
CA TYR C 358 -3.54 -26.67 23.34
C TYR C 358 -3.66 -25.42 24.20
N ASN C 359 -4.35 -24.41 23.68
CA ASN C 359 -4.51 -23.16 24.43
C ASN C 359 -5.24 -23.39 25.75
N VAL C 360 -6.32 -24.16 25.72
CA VAL C 360 -7.10 -24.40 26.94
C VAL C 360 -6.35 -25.34 27.88
N ALA C 361 -5.64 -26.33 27.34
CA ALA C 361 -4.81 -27.18 28.18
C ALA C 361 -3.82 -26.34 28.97
N ALA C 362 -3.10 -25.46 28.28
CA ALA C 362 -2.13 -24.61 28.95
C ALA C 362 -2.78 -23.67 29.95
N ALA C 363 -3.93 -23.09 29.59
CA ALA C 363 -4.63 -22.19 30.50
C ALA C 363 -5.02 -22.90 31.79
N PHE C 364 -5.58 -24.10 31.68
CA PHE C 364 -5.98 -24.83 32.88
C PHE C 364 -4.79 -25.31 33.68
N SER C 365 -3.70 -25.69 33.01
CA SER C 365 -2.49 -26.10 33.72
C SER C 365 -1.88 -24.95 34.51
N LEU C 366 -1.85 -23.76 33.92
CA LEU C 366 -1.27 -22.57 34.55
C LEU C 366 -2.26 -21.83 35.43
N ASP C 367 -3.52 -22.28 35.49
CA ASP C 367 -4.52 -21.62 36.33
C ASP C 367 -4.10 -21.40 37.78
N PRO C 368 -3.49 -22.37 38.48
CA PRO C 368 -3.16 -22.11 39.90
C PRO C 368 -2.28 -20.89 40.12
N ILE C 369 -1.31 -20.65 39.24
CA ILE C 369 -0.46 -19.46 39.37
C ILE C 369 -1.29 -18.20 39.23
N ARG C 370 -2.17 -18.17 38.23
CA ARG C 370 -2.99 -17.00 37.99
C ARG C 370 -3.93 -16.74 39.16
N ALA C 371 -4.54 -17.80 39.68
CA ALA C 371 -5.49 -17.65 40.79
C ALA C 371 -4.79 -17.29 42.09
N ALA C 372 -3.52 -17.68 42.25
CA ALA C 372 -2.77 -17.31 43.43
C ALA C 372 -2.38 -15.84 43.44
N GLY C 373 -2.58 -15.13 42.34
CA GLY C 373 -2.25 -13.72 42.26
C GLY C 373 -0.83 -13.42 41.85
N ASP C 374 -0.03 -14.43 41.52
CA ASP C 374 1.35 -14.22 41.07
C ASP C 374 1.36 -13.98 39.56
N TYR C 375 0.93 -12.77 39.19
CA TYR C 375 0.79 -12.44 37.78
C TYR C 375 2.15 -12.21 37.12
N ILE C 376 3.14 -11.75 37.89
CA ILE C 376 4.47 -11.54 37.32
C ILE C 376 5.05 -12.86 36.82
N LEU C 377 4.90 -13.92 37.60
CA LEU C 377 5.35 -15.24 37.16
C LEU C 377 4.39 -15.82 36.12
N PHE C 378 3.10 -15.50 36.22
CA PHE C 378 2.12 -16.02 35.27
C PHE C 378 2.42 -15.56 33.85
N TYR C 379 2.76 -14.27 33.69
CA TYR C 379 3.03 -13.74 32.35
C TYR C 379 4.24 -14.42 31.72
N GLU C 380 5.32 -14.56 32.48
CA GLU C 380 6.54 -15.15 31.95
C GLU C 380 6.43 -16.66 31.79
N GLU C 381 5.49 -17.30 32.48
CA GLU C 381 5.17 -18.70 32.18
C GLU C 381 4.33 -18.82 30.92
N GLU C 382 3.42 -17.87 30.70
CA GLU C 382 2.54 -17.92 29.54
C GLU C 382 3.24 -17.55 28.24
N THR C 383 4.32 -16.77 28.31
CA THR C 383 4.95 -16.22 27.12
C THR C 383 5.21 -17.25 26.03
N PRO C 384 5.78 -18.43 26.30
CA PRO C 384 5.92 -19.43 25.22
C PRO C 384 4.60 -19.83 24.61
N LYS C 385 3.60 -20.12 25.45
CA LYS C 385 2.28 -20.48 24.92
C LYS C 385 1.64 -19.32 24.19
N ARG C 386 1.74 -18.12 24.74
CA ARG C 386 1.18 -16.95 24.09
C ARG C 386 1.73 -16.81 22.67
N ASN C 387 3.06 -16.86 22.54
CA ASN C 387 3.68 -16.68 21.24
C ASN C 387 3.33 -17.83 20.29
N ALA C 388 3.33 -19.07 20.79
CA ALA C 388 3.03 -20.20 19.91
C ALA C 388 1.60 -20.16 19.40
N PHE C 389 0.64 -19.91 20.29
CA PHE C 389 -0.76 -19.82 19.86
C PHE C 389 -0.98 -18.66 18.92
N GLY C 390 -0.35 -17.50 19.21
CA GLY C 390 -0.44 -16.40 18.28
C GLY C 390 0.10 -16.74 16.91
N ASP C 391 1.23 -17.46 16.87
CA ASP C 391 1.80 -17.88 15.60
C ASP C 391 0.83 -18.76 14.82
N VAL C 392 0.25 -19.76 15.50
CA VAL C 392 -0.65 -20.69 14.80
C VAL C 392 -1.89 -19.95 14.29
N ARG C 393 -2.50 -19.13 15.16
CA ARG C 393 -3.73 -18.43 14.78
C ARG C 393 -3.48 -17.43 13.67
N GLY C 394 -2.30 -16.81 13.65
CA GLY C 394 -1.98 -15.92 12.54
C GLY C 394 -1.74 -16.67 11.25
N GLY C 395 -0.97 -17.76 11.31
CA GLY C 395 -0.73 -18.56 10.13
C GLY C 395 -1.98 -19.21 9.57
N LEU C 396 -3.05 -19.27 10.36
CA LEU C 396 -4.33 -19.72 9.82
C LEU C 396 -4.79 -18.85 8.65
N HIS C 397 -4.45 -17.56 8.65
CA HIS C 397 -4.79 -16.68 7.54
C HIS C 397 -3.88 -16.93 6.35
N GLN C 398 -4.40 -16.63 5.16
CA GLN C 398 -3.62 -16.88 3.95
C GLN C 398 -2.57 -15.80 3.78
N PRO C 399 -1.31 -16.16 3.59
CA PRO C 399 -0.26 -15.15 3.46
C PRO C 399 -0.38 -14.35 2.18
N SER C 400 0.06 -13.09 2.26
CA SER C 400 0.03 -12.21 1.11
C SER C 400 0.92 -12.75 -0.01
N ASP C 401 0.49 -12.51 -1.25
CA ASP C 401 1.23 -13.00 -2.41
C ASP C 401 2.60 -12.33 -2.50
N GLU C 402 3.56 -13.06 -3.04
CA GLU C 402 4.92 -12.57 -3.20
C GLU C 402 5.08 -11.94 -4.57
N SER C 403 5.66 -10.74 -4.61
CA SER C 403 5.83 -9.98 -5.84
C SER C 403 7.28 -9.53 -5.97
N ALA C 404 7.84 -9.71 -7.17
CA ALA C 404 9.21 -9.31 -7.47
C ALA C 404 9.23 -8.57 -8.80
N ALA C 405 10.27 -7.77 -8.99
CA ALA C 405 10.36 -6.92 -10.18
C ALA C 405 11.81 -6.74 -10.61
N ILE C 406 12.09 -7.02 -11.88
CA ILE C 406 13.42 -6.83 -12.45
C ILE C 406 13.30 -5.81 -13.58
N GLU C 407 14.10 -4.75 -13.50
CA GLU C 407 13.99 -3.61 -14.40
C GLU C 407 14.98 -3.70 -15.55
N ILE C 408 14.52 -3.34 -16.74
CA ILE C 408 15.39 -3.03 -17.87
C ILE C 408 15.55 -1.51 -17.89
N MET C 409 16.79 -1.05 -17.81
CA MET C 409 17.04 0.34 -17.42
C MET C 409 16.70 1.33 -18.53
N GLY C 410 16.82 0.93 -19.79
CA GLY C 410 16.49 1.85 -20.86
C GLY C 410 16.40 1.12 -22.18
N PHE C 411 16.13 1.90 -23.23
CA PHE C 411 15.98 1.35 -24.55
C PHE C 411 16.85 2.04 -25.59
N GLY C 412 17.63 3.04 -25.18
CA GLY C 412 18.51 3.74 -26.10
C GLY C 412 19.47 2.81 -26.81
N LEU C 413 20.16 3.36 -27.80
CA LEU C 413 21.12 2.62 -28.59
C LEU C 413 22.47 3.31 -28.49
N GLN C 414 23.53 2.57 -28.82
CA GLN C 414 24.84 3.18 -28.93
C GLN C 414 24.87 4.08 -30.16
N LYS C 415 25.31 5.32 -29.97
CA LYS C 415 25.19 6.32 -31.04
C LYS C 415 25.92 5.86 -32.29
N GLU C 416 25.30 6.11 -33.45
CA GLU C 416 25.80 5.73 -34.76
C GLU C 416 25.83 4.23 -34.97
N SER C 417 25.11 3.47 -34.16
CA SER C 417 25.29 2.02 -34.23
C SER C 417 24.00 1.23 -34.40
N GLY C 418 22.91 1.64 -33.74
CA GLY C 418 21.78 0.76 -33.64
C GLY C 418 21.99 -0.41 -32.69
N LYS C 419 23.03 -0.35 -31.86
CA LYS C 419 23.36 -1.37 -30.87
C LYS C 419 22.75 -0.99 -29.52
N PRO C 420 22.13 -1.94 -28.82
CA PRO C 420 21.48 -1.62 -27.55
C PRO C 420 22.49 -1.22 -26.48
N LEU C 421 22.03 -0.33 -25.59
CA LEU C 421 22.76 -0.04 -24.37
C LEU C 421 22.43 -1.03 -23.26
N TYR C 422 21.26 -1.67 -23.33
CA TYR C 422 20.75 -2.52 -22.26
C TYR C 422 20.23 -3.81 -22.85
N ASN C 423 19.46 -4.60 -22.09
CA ASN C 423 19.21 -5.98 -22.46
C ASN C 423 17.72 -6.29 -22.71
N GLY C 424 16.96 -5.31 -23.19
CA GLY C 424 15.55 -5.58 -23.46
C GLY C 424 14.94 -4.76 -24.58
N LEU C 425 14.21 -5.40 -25.49
CA LEU C 425 13.59 -4.69 -26.61
C LEU C 425 12.16 -5.18 -26.84
N LEU C 426 11.25 -4.22 -27.04
CA LEU C 426 9.89 -4.52 -27.47
C LEU C 426 9.87 -4.66 -28.98
N VAL C 427 9.38 -5.81 -29.47
CA VAL C 427 9.40 -6.11 -30.90
C VAL C 427 7.98 -6.38 -31.38
N CYS C 428 7.76 -6.18 -32.68
CA CYS C 428 6.46 -6.35 -33.29
C CYS C 428 6.64 -7.00 -34.66
N LYS C 429 6.04 -8.17 -34.84
CA LYS C 429 6.08 -8.87 -36.13
C LYS C 429 4.85 -8.47 -36.92
N LYS C 430 4.96 -7.36 -37.66
CA LYS C 430 3.86 -6.92 -38.51
C LYS C 430 3.60 -7.96 -39.58
N SER C 431 2.34 -8.37 -39.71
CA SER C 431 1.96 -9.34 -40.72
C SER C 431 1.54 -8.64 -42.01
N GLU C 432 1.31 -9.43 -43.04
CA GLU C 432 0.69 -8.92 -44.26
C GLU C 432 -0.82 -8.82 -44.14
N LYS C 433 -1.40 -9.34 -43.06
CA LYS C 433 -2.83 -9.26 -42.83
C LYS C 433 -3.18 -8.06 -41.96
N GLU C 434 -4.46 -7.68 -42.00
CA GLU C 434 -4.92 -6.49 -41.28
C GLU C 434 -5.06 -6.70 -39.79
N HIS C 435 -5.30 -7.95 -39.34
CA HIS C 435 -5.61 -8.20 -37.94
C HIS C 435 -4.78 -9.34 -37.36
N ASP C 436 -3.56 -9.53 -37.85
CA ASP C 436 -2.75 -10.65 -37.39
C ASP C 436 -1.31 -10.24 -37.14
N ASP C 437 -1.08 -9.08 -36.51
CA ASP C 437 0.28 -8.80 -36.10
C ASP C 437 0.52 -9.32 -34.68
N SER C 438 1.79 -9.53 -34.37
CA SER C 438 2.20 -10.13 -33.10
C SER C 438 3.18 -9.19 -32.39
N TRP C 439 3.20 -9.29 -31.07
CA TRP C 439 4.12 -8.52 -30.24
C TRP C 439 4.81 -9.44 -29.25
N ALA C 440 6.05 -9.13 -28.93
CA ALA C 440 6.82 -9.89 -27.98
C ALA C 440 7.81 -8.97 -27.27
N PHE C 441 8.68 -9.56 -26.46
CA PHE C 441 9.75 -8.85 -25.78
C PHE C 441 11.01 -9.68 -25.85
N LEU C 442 12.13 -9.05 -26.19
CA LEU C 442 13.42 -9.70 -26.17
C LEU C 442 14.17 -9.31 -24.92
N TYR C 443 14.70 -10.31 -24.22
CA TYR C 443 15.39 -10.12 -22.95
C TYR C 443 16.72 -10.86 -22.98
N CYS C 444 17.80 -10.17 -22.61
CA CYS C 444 19.13 -10.77 -22.56
C CYS C 444 19.59 -10.81 -21.11
N HIS C 445 19.85 -12.02 -20.61
CA HIS C 445 20.43 -12.19 -19.29
C HIS C 445 21.61 -13.15 -19.35
N THR C 446 21.53 -14.17 -20.18
CA THR C 446 22.62 -15.12 -20.31
C THR C 446 23.78 -14.48 -21.07
N GLU C 447 24.93 -15.15 -21.07
CA GLU C 447 26.11 -14.68 -21.79
C GLU C 447 25.96 -14.94 -23.29
N GLY C 448 26.34 -13.97 -24.09
CA GLY C 448 26.30 -14.10 -25.54
C GLY C 448 24.98 -13.78 -26.20
N GLN C 449 23.99 -13.29 -25.45
CA GLN C 449 22.70 -12.92 -26.01
C GLN C 449 22.75 -11.47 -26.47
N THR C 450 22.64 -11.27 -27.78
CA THR C 450 22.78 -9.95 -28.37
C THR C 450 21.73 -9.73 -29.45
N PHE C 451 21.16 -8.52 -29.49
CA PHE C 451 20.28 -8.10 -30.58
C PHE C 451 20.78 -6.78 -31.13
N GLU C 452 20.36 -6.46 -32.36
CA GLU C 452 20.76 -5.20 -32.97
C GLU C 452 19.68 -4.74 -33.94
N LEU C 453 19.66 -3.42 -34.19
CA LEU C 453 18.73 -2.78 -35.12
C LEU C 453 19.52 -2.28 -36.33
N ALA C 454 19.47 -3.04 -37.43
CA ALA C 454 20.05 -2.60 -38.69
C ALA C 454 19.12 -2.99 -39.82
N ASN C 455 19.22 -2.29 -40.95
CA ASN C 455 18.32 -2.55 -42.05
C ASN C 455 18.64 -3.90 -42.69
N GLU C 456 17.69 -4.41 -43.47
CA GLU C 456 17.80 -5.77 -44.00
C GLU C 456 19.01 -5.92 -44.92
N LYS C 457 19.29 -4.92 -45.74
CA LYS C 457 20.43 -5.01 -46.67
C LYS C 457 21.76 -4.70 -46.00
N ALA C 458 21.76 -4.15 -44.79
CA ALA C 458 23.00 -3.84 -44.08
C ALA C 458 23.43 -5.08 -43.30
N LYS C 459 24.07 -6.00 -44.01
CA LYS C 459 24.41 -7.29 -43.45
C LYS C 459 25.46 -7.16 -42.34
N LEU C 460 25.38 -8.07 -41.37
CA LEU C 460 26.25 -8.09 -40.21
C LEU C 460 26.82 -9.48 -40.01
N ARG C 461 27.95 -9.54 -39.32
CA ARG C 461 28.66 -10.79 -39.06
C ARG C 461 28.25 -11.36 -37.71
N GLY C 462 27.93 -12.65 -37.68
CA GLY C 462 27.55 -13.30 -36.44
C GLY C 462 26.14 -13.01 -35.98
N LYS C 463 25.28 -12.48 -36.85
CA LYS C 463 23.92 -12.16 -36.51
C LYS C 463 22.96 -12.73 -37.55
N LEU C 464 21.74 -13.01 -37.12
CA LEU C 464 20.66 -13.38 -38.01
C LEU C 464 19.63 -12.26 -38.07
N LEU C 465 19.04 -12.08 -39.24
CA LEU C 465 17.98 -11.09 -39.42
C LEU C 465 16.62 -11.75 -39.21
N THR C 466 15.70 -10.99 -38.62
CA THR C 466 14.39 -11.49 -38.25
C THR C 466 13.31 -10.57 -38.81
N ASP C 467 12.07 -11.03 -38.72
CA ASP C 467 10.92 -10.25 -39.17
C ASP C 467 10.43 -9.25 -38.13
N TRP C 468 11.04 -9.22 -36.94
CA TRP C 468 10.62 -8.28 -35.92
C TRP C 468 11.01 -6.85 -36.29
N THR C 469 10.12 -5.91 -35.98
CA THR C 469 10.47 -4.50 -35.91
C THR C 469 10.59 -4.12 -34.44
N GLY C 470 11.70 -3.49 -34.08
CA GLY C 470 12.01 -3.19 -32.70
C GLY C 470 11.85 -1.71 -32.40
N PHE C 471 11.44 -1.41 -31.17
CA PHE C 471 11.25 -0.04 -30.73
C PHE C 471 12.32 0.25 -29.69
N ALA C 472 13.27 1.09 -30.06
CA ALA C 472 14.35 1.52 -29.20
C ALA C 472 14.24 3.03 -29.02
N SER C 473 15.26 3.61 -28.39
CA SER C 473 15.29 5.05 -28.20
C SER C 473 16.56 5.63 -28.80
N ARG C 474 16.56 6.95 -28.93
CA ARG C 474 17.74 7.71 -29.35
C ARG C 474 17.66 9.07 -28.70
N GLY C 475 18.66 9.39 -27.88
CA GLY C 475 18.68 10.68 -27.21
C GLY C 475 18.04 10.66 -25.85
N GLY C 476 17.82 11.86 -25.31
CA GLY C 476 17.21 12.01 -24.00
C GLY C 476 18.17 12.09 -22.84
N SER C 477 19.47 12.24 -23.10
CA SER C 477 20.46 12.21 -22.02
C SER C 477 20.16 13.27 -20.98
N ARG C 478 20.37 12.91 -19.70
CA ARG C 478 20.12 13.84 -18.62
C ARG C 478 21.26 14.84 -18.42
N LYS C 479 22.45 14.55 -18.95
CA LYS C 479 23.58 15.46 -18.78
C LYS C 479 23.33 16.73 -19.58
N LYS C 480 23.50 17.89 -18.93
CA LYS C 480 23.21 19.17 -19.58
C LYS C 480 23.83 19.22 -20.98
N ALA C 481 25.14 19.06 -21.06
CA ALA C 481 25.82 19.11 -22.35
C ALA C 481 25.43 17.96 -23.25
N GLU C 482 25.22 16.77 -22.68
CA GLU C 482 24.96 15.56 -23.44
C GLU C 482 23.48 15.36 -23.77
N ALA C 483 22.62 16.28 -23.38
CA ALA C 483 21.16 16.08 -23.39
C ALA C 483 20.56 16.29 -24.79
N SER C 484 20.77 15.32 -25.65
CA SER C 484 20.08 15.32 -26.94
C SER C 484 18.63 14.87 -26.74
N ALA C 485 17.77 15.25 -27.68
CA ALA C 485 16.34 14.95 -27.58
C ALA C 485 16.09 13.45 -27.70
N LYS C 486 15.08 12.98 -26.98
CA LYS C 486 14.65 11.58 -27.05
C LYS C 486 13.82 11.38 -28.32
N GLN C 487 14.00 10.24 -28.98
CA GLN C 487 13.23 9.95 -30.18
C GLN C 487 13.00 8.45 -30.33
N LEU C 488 11.78 8.08 -30.70
CA LEU C 488 11.46 6.68 -30.97
C LEU C 488 12.25 6.20 -32.17
N ALA C 489 13.21 5.30 -31.92
CA ALA C 489 13.99 4.67 -32.98
C ALA C 489 13.40 3.30 -33.26
N ARG C 490 13.19 3.00 -34.53
CA ARG C 490 12.70 1.69 -34.93
C ARG C 490 13.51 1.19 -36.11
N GLY C 491 13.60 -0.13 -36.23
CA GLY C 491 14.36 -0.73 -37.30
C GLY C 491 14.29 -2.24 -37.21
N ARG C 492 14.87 -2.89 -38.21
CA ARG C 492 14.83 -4.33 -38.30
C ARG C 492 15.85 -4.94 -37.35
N VAL C 493 15.48 -6.08 -36.75
CA VAL C 493 16.17 -6.61 -35.58
C VAL C 493 17.05 -7.78 -36.02
N TRP C 494 18.35 -7.67 -35.76
CA TRP C 494 19.29 -8.77 -35.91
C TRP C 494 19.50 -9.42 -34.55
N ILE C 495 19.47 -10.75 -34.50
CA ILE C 495 19.71 -11.47 -33.26
C ILE C 495 20.99 -12.28 -33.40
N SER C 496 21.61 -12.56 -32.25
CA SER C 496 22.83 -13.36 -32.24
C SER C 496 22.56 -14.76 -32.77
N GLU C 497 23.53 -15.30 -33.50
CA GLU C 497 23.35 -16.62 -34.11
C GLU C 497 23.50 -17.73 -33.07
N LYS C 498 24.61 -17.74 -32.34
CA LYS C 498 24.88 -18.82 -31.39
C LYS C 498 23.90 -18.78 -30.22
N THR C 499 23.75 -17.62 -29.59
CA THR C 499 22.95 -17.47 -28.36
C THR C 499 21.99 -16.31 -28.54
N PRO C 500 20.78 -16.57 -29.05
CA PRO C 500 19.81 -15.49 -29.23
C PRO C 500 19.17 -15.10 -27.91
N PRO C 501 18.63 -13.89 -27.82
CA PRO C 501 17.93 -13.48 -26.60
C PRO C 501 16.67 -14.30 -26.36
N THR C 502 16.08 -14.08 -25.20
CA THR C 502 14.88 -14.81 -24.78
C THR C 502 13.63 -14.05 -25.16
N VAL C 503 12.65 -14.78 -25.73
CA VAL C 503 11.45 -14.18 -26.29
C VAL C 503 10.31 -14.29 -25.28
N LEU C 504 9.68 -13.16 -24.98
CA LEU C 504 8.57 -13.13 -24.02
C LEU C 504 7.28 -12.79 -24.77
N PRO C 505 6.47 -13.78 -25.15
CA PRO C 505 5.21 -13.46 -25.83
C PRO C 505 4.27 -12.70 -24.92
N LEU C 506 3.42 -11.88 -25.53
CA LEU C 506 2.61 -10.91 -24.81
C LEU C 506 1.13 -11.14 -25.02
N ALA C 507 0.33 -10.68 -24.06
CA ALA C 507 -1.13 -10.79 -24.09
C ALA C 507 -1.70 -9.59 -23.36
N PHE C 508 -2.46 -8.74 -24.07
CA PHE C 508 -2.82 -7.44 -23.50
C PHE C 508 -4.26 -6.97 -23.70
N GLY C 509 -5.01 -7.42 -24.71
CA GLY C 509 -6.38 -6.97 -24.86
C GLY C 509 -6.57 -5.69 -25.67
N SER C 510 -7.57 -5.68 -26.55
CA SER C 510 -7.68 -4.65 -27.59
C SER C 510 -7.76 -3.26 -26.99
N ARG C 511 -8.49 -3.09 -25.87
CA ARG C 511 -8.60 -1.78 -25.24
C ARG C 511 -7.23 -1.17 -24.97
N GLN C 512 -6.23 -2.01 -24.72
CA GLN C 512 -4.88 -1.56 -24.42
C GLN C 512 -4.07 -1.29 -25.68
N GLY C 513 -3.97 -2.28 -26.58
CA GLY C 513 -3.28 -2.04 -27.84
C GLY C 513 -3.87 -0.87 -28.60
N ARG C 514 -5.21 -0.78 -28.60
CA ARG C 514 -5.93 0.36 -29.13
C ARG C 514 -5.50 1.68 -28.49
N GLU C 515 -4.95 1.63 -27.29
CA GLU C 515 -4.60 2.81 -26.51
C GLU C 515 -3.14 3.21 -26.62
N TYR C 516 -2.24 2.23 -26.56
CA TYR C 516 -0.81 2.48 -26.47
C TYR C 516 -0.02 2.04 -27.69
N LEU C 517 -0.52 1.05 -28.42
CA LEU C 517 0.25 0.39 -29.47
C LEU C 517 -0.15 0.81 -30.87
N TRP C 518 -1.46 0.92 -31.14
CA TRP C 518 -1.91 1.27 -32.48
C TRP C 518 -3.03 2.30 -32.41
N HIS C 519 -2.88 3.28 -31.53
CA HIS C 519 -3.86 4.36 -31.44
C HIS C 519 -3.94 5.10 -32.78
N PHE C 520 -5.15 5.58 -33.09
CA PHE C 520 -5.38 6.24 -34.38
C PHE C 520 -4.37 7.34 -34.63
N ASP C 521 -3.98 8.06 -33.58
CA ASP C 521 -3.10 9.20 -33.69
C ASP C 521 -1.65 8.89 -33.32
N ARG C 522 -1.40 7.78 -32.64
CA ARG C 522 -0.10 7.48 -32.06
C ARG C 522 0.29 6.03 -32.25
N ASP C 523 0.08 5.49 -33.45
CA ASP C 523 0.53 4.13 -33.71
C ASP C 523 2.05 4.08 -33.61
N LEU C 524 2.56 3.06 -32.90
CA LEU C 524 4.01 2.98 -32.68
C LEU C 524 4.78 2.86 -33.98
N ARG C 525 4.20 2.16 -34.97
CA ARG C 525 4.92 1.86 -36.19
C ARG C 525 4.90 3.00 -37.21
N GLU C 526 4.02 3.99 -37.04
CA GLU C 526 3.88 5.05 -38.04
C GLU C 526 4.00 6.45 -37.47
N LYS C 527 3.68 6.62 -36.19
CA LYS C 527 3.67 7.95 -35.59
C LYS C 527 4.85 8.09 -34.61
N ASN C 528 5.03 9.30 -34.11
CA ASN C 528 6.16 9.64 -33.26
C ASN C 528 5.69 10.43 -32.04
N GLU C 529 4.67 9.91 -31.36
CA GLU C 529 4.10 10.56 -30.20
C GLU C 529 4.57 9.94 -28.88
N TRP C 530 4.62 8.62 -28.79
CA TRP C 530 5.10 7.93 -27.59
C TRP C 530 6.61 7.71 -27.66
N VAL C 531 7.24 7.67 -26.49
CA VAL C 531 8.64 7.26 -26.37
C VAL C 531 8.75 6.25 -25.24
N LEU C 532 9.44 5.14 -25.50
CA LEU C 532 9.65 4.12 -24.49
C LEU C 532 10.51 4.65 -23.35
N GLY C 533 10.02 4.51 -22.12
CA GLY C 533 10.80 4.91 -20.97
C GLY C 533 11.72 3.83 -20.43
N ASN C 534 11.13 2.70 -20.02
CA ASN C 534 11.89 1.57 -19.50
C ASN C 534 10.96 0.37 -19.41
N GLY C 535 11.50 -0.74 -18.89
CA GLY C 535 10.74 -1.96 -18.75
C GLY C 535 10.96 -2.58 -17.39
N ARG C 536 10.01 -3.43 -17.01
CA ARG C 536 10.07 -4.15 -15.74
C ARG C 536 9.50 -5.54 -15.92
N LEU C 537 10.34 -6.56 -15.74
CA LEU C 537 9.85 -7.90 -15.52
C LEU C 537 9.21 -7.97 -14.14
N LEU C 538 8.07 -8.66 -14.05
CA LEU C 538 7.38 -8.82 -12.79
C LEU C 538 7.06 -10.30 -12.58
N ARG C 539 7.16 -10.74 -11.33
CA ARG C 539 6.71 -12.06 -10.93
C ARG C 539 5.76 -11.91 -9.76
N ILE C 540 4.62 -12.59 -9.84
CA ILE C 540 3.67 -12.68 -8.74
C ILE C 540 3.46 -14.16 -8.42
N MET C 541 3.63 -14.51 -7.15
CA MET C 541 3.69 -15.90 -6.75
C MET C 541 2.94 -16.07 -5.43
N PRO C 542 2.31 -17.22 -5.21
CA PRO C 542 1.89 -17.59 -3.87
C PRO C 542 3.08 -18.08 -3.07
N PRO C 543 3.46 -17.45 -1.94
CA PRO C 543 4.67 -17.87 -1.24
C PRO C 543 4.78 -19.38 -1.11
N GLY C 544 5.97 -19.95 -1.32
CA GLY C 544 6.18 -21.40 -1.12
C GLY C 544 5.77 -22.26 -2.30
N GLN C 545 5.39 -21.67 -3.44
CA GLN C 545 5.08 -22.50 -4.64
C GLN C 545 5.33 -21.68 -5.91
N PRO C 546 6.44 -21.91 -6.64
CA PRO C 546 6.77 -21.09 -7.81
C PRO C 546 6.21 -21.65 -9.11
N ASN C 547 5.91 -22.95 -9.11
CA ASN C 547 5.49 -23.62 -10.34
C ASN C 547 4.23 -23.01 -10.93
N ALA C 548 3.45 -22.31 -10.12
CA ALA C 548 2.29 -21.54 -10.59
C ALA C 548 2.58 -20.07 -10.31
N ALA C 549 3.30 -19.43 -11.23
CA ALA C 549 3.73 -18.05 -11.09
C ALA C 549 3.18 -17.22 -12.24
N ASP C 550 2.76 -16.00 -11.93
CA ASP C 550 2.25 -15.07 -12.92
C ASP C 550 3.33 -14.06 -13.28
N PHE C 551 3.62 -13.93 -14.56
CA PHE C 551 4.66 -13.04 -15.05
C PHE C 551 4.03 -11.96 -15.93
N TYR C 552 4.39 -10.71 -15.66
CA TYR C 552 3.92 -9.56 -16.43
C TYR C 552 5.12 -8.81 -16.97
N LEU C 553 4.85 -7.95 -17.95
CA LEU C 553 5.84 -7.00 -18.45
C LEU C 553 5.21 -5.61 -18.41
N ALA C 554 5.86 -4.70 -17.69
CA ALA C 554 5.40 -3.32 -17.57
C ALA C 554 6.35 -2.43 -18.34
N ILE C 555 5.86 -1.78 -19.39
CA ILE C 555 6.62 -0.82 -20.17
C ILE C 555 6.03 0.55 -19.91
N THR C 556 6.90 1.50 -19.57
CA THR C 556 6.49 2.86 -19.28
C THR C 556 6.70 3.73 -20.52
N LEU C 557 5.64 4.38 -20.98
CA LEU C 557 5.67 5.20 -22.16
C LEU C 557 5.42 6.66 -21.78
N GLU C 558 6.00 7.57 -22.54
CA GLU C 558 5.83 9.00 -22.32
C GLU C 558 5.39 9.66 -23.63
N ARG C 559 4.59 10.72 -23.49
CA ARG C 559 4.16 11.48 -24.66
C ARG C 559 3.84 12.90 -24.23
N GLN C 560 3.79 13.79 -25.22
CA GLN C 560 3.35 15.15 -25.00
C GLN C 560 1.82 15.20 -25.00
N VAL C 561 1.26 16.05 -24.16
CA VAL C 561 -0.18 16.32 -24.20
C VAL C 561 -0.33 17.83 -24.43
N PRO C 562 -1.46 18.26 -24.97
CA PRO C 562 -1.59 19.67 -25.37
C PRO C 562 -1.25 20.61 -24.23
N PRO C 563 -0.72 21.79 -24.53
CA PRO C 563 -0.49 22.78 -23.48
C PRO C 563 -1.81 23.19 -22.83
N LEU C 564 -1.73 23.60 -21.56
CA LEU C 564 -2.90 24.06 -20.85
C LEU C 564 -3.52 25.28 -21.55
N ALA C 565 -4.84 25.41 -21.41
CA ALA C 565 -5.63 26.40 -22.12
C ALA C 565 -5.82 27.66 -21.27
N ASP C 566 -6.67 28.59 -21.76
CA ASP C 566 -7.12 29.78 -21.01
C ASP C 566 -8.64 29.90 -21.29
N ILE C 567 -9.47 29.18 -20.47
CA ILE C 567 -10.89 29.04 -20.76
C ILE C 567 -11.67 30.12 -20.04
N LYS C 568 -12.83 30.45 -20.61
CA LYS C 568 -13.69 31.51 -20.09
C LYS C 568 -15.06 30.87 -19.88
N ALA C 569 -15.22 30.16 -18.78
CA ALA C 569 -16.39 29.31 -18.62
C ALA C 569 -17.59 30.11 -18.13
N GLU C 570 -18.74 29.83 -18.71
CA GLU C 570 -20.01 30.35 -18.23
C GLU C 570 -20.85 29.27 -17.57
N ARG C 571 -20.32 28.05 -17.48
CA ARG C 571 -20.93 26.96 -16.74
C ARG C 571 -19.90 26.40 -15.76
N PHE C 572 -20.40 25.81 -14.69
CA PHE C 572 -19.56 25.16 -13.70
C PHE C 572 -20.29 23.95 -13.16
N ILE C 573 -19.53 23.02 -12.59
CA ILE C 573 -20.09 21.82 -11.98
C ILE C 573 -19.56 21.70 -10.57
N GLY C 574 -20.45 21.54 -9.60
CA GLY C 574 -20.08 21.25 -8.24
C GLY C 574 -20.30 19.78 -7.93
N ILE C 575 -19.45 19.23 -7.08
CA ILE C 575 -19.55 17.84 -6.67
C ILE C 575 -19.18 17.74 -5.19
N ALA C 576 -19.96 16.95 -4.46
CA ALA C 576 -19.73 16.70 -3.04
C ALA C 576 -19.54 15.21 -2.81
N ARG C 577 -18.59 14.87 -1.95
CA ARG C 577 -18.25 13.48 -1.64
C ARG C 577 -18.23 13.29 -0.14
N GLY C 578 -18.11 12.03 0.28
CA GLY C 578 -17.98 11.72 1.69
C GLY C 578 -19.30 11.47 2.39
N GLU C 579 -20.10 10.56 1.84
CA GLU C 579 -21.42 10.24 2.39
C GLU C 579 -21.78 8.83 1.93
N ALA C 580 -23.01 8.40 2.21
CA ALA C 580 -23.50 7.15 1.65
C ALA C 580 -23.43 7.17 0.13
N ILE C 581 -23.59 8.35 -0.47
CA ILE C 581 -23.46 8.54 -1.91
C ILE C 581 -22.01 9.02 -2.17
N PRO C 582 -21.19 8.24 -2.86
CA PRO C 582 -19.80 8.66 -3.07
C PRO C 582 -19.67 10.02 -3.73
N ALA C 583 -20.54 10.34 -4.69
CA ALA C 583 -20.47 11.62 -5.36
C ALA C 583 -21.86 12.02 -5.83
N ALA C 584 -22.20 13.29 -5.61
CA ALA C 584 -23.45 13.87 -6.11
C ALA C 584 -23.12 15.19 -6.77
N TYR C 585 -23.75 15.43 -7.92
CA TYR C 585 -23.39 16.58 -8.75
C TYR C 585 -24.57 17.55 -8.89
N ALA C 586 -24.24 18.77 -9.32
CA ALA C 586 -25.25 19.80 -9.54
C ALA C 586 -24.65 20.81 -10.52
N VAL C 587 -25.13 20.78 -11.76
CA VAL C 587 -24.66 21.71 -12.79
C VAL C 587 -25.27 23.08 -12.53
N ILE C 588 -24.49 24.14 -12.78
CA ILE C 588 -24.95 25.50 -12.64
C ILE C 588 -24.45 26.31 -13.84
N ASP C 589 -24.97 27.52 -13.97
CA ASP C 589 -24.54 28.47 -14.97
C ASP C 589 -23.56 29.46 -14.34
N GLU C 590 -23.21 30.52 -15.09
CA GLU C 590 -22.34 31.54 -14.53
C GLU C 590 -23.04 32.40 -13.49
N LEU C 591 -24.36 32.51 -13.55
CA LEU C 591 -25.11 33.18 -12.48
C LEU C 591 -25.24 32.30 -11.25
N GLY C 592 -25.34 30.99 -11.44
CA GLY C 592 -25.45 30.04 -10.33
C GLY C 592 -26.76 29.29 -10.25
N LYS C 593 -27.72 29.53 -11.14
CA LYS C 593 -29.01 28.85 -11.05
C LYS C 593 -28.91 27.46 -11.65
N LEU C 594 -29.49 26.49 -10.95
CA LEU C 594 -29.29 25.08 -11.27
C LEU C 594 -29.79 24.76 -12.68
N LEU C 595 -29.08 23.84 -13.34
CA LEU C 595 -29.51 23.31 -14.62
C LEU C 595 -29.74 21.81 -14.61
N ALA C 596 -29.15 21.08 -13.66
CA ALA C 596 -29.36 19.64 -13.52
C ALA C 596 -28.75 19.19 -12.20
N SER C 597 -29.06 17.96 -11.83
CA SER C 597 -28.52 17.37 -10.61
C SER C 597 -28.72 15.86 -10.67
N GLY C 598 -28.05 15.17 -9.75
CA GLY C 598 -28.13 13.73 -9.71
C GLY C 598 -27.17 13.18 -8.68
N LYS C 599 -26.98 11.87 -8.73
CA LYS C 599 -26.06 11.17 -7.84
C LYS C 599 -25.40 10.04 -8.60
N ILE C 600 -24.21 9.64 -8.13
CA ILE C 600 -23.38 8.65 -8.80
C ILE C 600 -23.13 7.49 -7.84
N ALA C 601 -23.39 6.28 -8.31
CA ALA C 601 -23.09 5.04 -7.59
C ALA C 601 -23.66 5.07 -6.17
N GLU C 602 -24.99 5.15 -6.09
CA GLU C 602 -25.66 5.21 -4.80
C GLU C 602 -25.66 3.89 -4.05
N SER C 603 -25.30 2.78 -4.70
CA SER C 603 -25.26 1.47 -4.06
C SER C 603 -23.87 1.07 -3.61
N TYR C 604 -22.87 1.92 -3.84
CA TYR C 604 -21.48 1.54 -3.57
C TYR C 604 -21.26 1.31 -2.08
N ARG C 605 -21.76 2.21 -1.23
CA ARG C 605 -21.52 2.10 0.21
C ARG C 605 -22.20 0.85 0.76
N LYS C 606 -23.42 0.56 0.29
CA LYS C 606 -24.13 -0.64 0.73
C LYS C 606 -23.37 -1.90 0.33
N GLN C 607 -22.93 -1.97 -0.93
CA GLN C 607 -22.21 -3.15 -1.40
C GLN C 607 -20.89 -3.32 -0.65
N GLN C 608 -20.21 -2.20 -0.41
CA GLN C 608 -18.96 -2.22 0.34
C GLN C 608 -19.18 -2.72 1.77
N ARG C 609 -20.24 -2.27 2.42
CA ARG C 609 -20.55 -2.76 3.76
C ARG C 609 -20.84 -4.24 3.76
N GLU C 610 -21.58 -4.72 2.74
CA GLU C 610 -21.85 -6.15 2.65
C GLU C 610 -20.56 -6.96 2.51
N PHE C 611 -19.63 -6.48 1.67
CA PHE C 611 -18.35 -7.18 1.52
C PHE C 611 -17.54 -7.15 2.80
N ASN C 612 -17.54 -6.02 3.52
CA ASN C 612 -16.83 -5.95 4.79
C ASN C 612 -17.40 -6.93 5.80
N ASP C 613 -18.73 -7.01 5.88
CA ASP C 613 -19.37 -7.95 6.81
C ASP C 613 -19.03 -9.39 6.45
N ALA C 614 -19.03 -9.71 5.15
CA ALA C 614 -18.63 -11.05 4.73
C ALA C 614 -17.19 -11.35 5.14
N LYS C 615 -16.30 -10.37 4.98
CA LYS C 615 -14.91 -10.57 5.39
C LYS C 615 -14.79 -10.82 6.89
N ARG C 616 -15.53 -10.06 7.69
CA ARG C 616 -15.44 -10.20 9.15
C ARG C 616 -16.01 -11.55 9.61
N GLU C 617 -17.13 -11.98 9.03
CA GLU C 617 -17.67 -13.28 9.42
C GLU C 617 -16.77 -14.42 8.95
N LEU C 618 -16.11 -14.25 7.79
CA LEU C 618 -15.13 -15.25 7.36
C LEU C 618 -13.94 -15.31 8.32
N GLN C 619 -13.49 -14.14 8.78
CA GLN C 619 -12.43 -14.06 9.77
C GLN C 619 -12.81 -14.83 11.04
N ARG C 620 -14.04 -14.63 11.51
CA ARG C 620 -14.47 -15.34 12.73
C ARG C 620 -14.60 -16.83 12.48
N THR C 621 -15.52 -17.22 11.59
CA THR C 621 -15.90 -18.63 11.48
C THR C 621 -14.71 -19.51 11.07
N GLN C 622 -13.78 -18.99 10.26
CA GLN C 622 -12.72 -19.87 9.79
C GLN C 622 -11.35 -19.23 9.82
N GLY C 623 -11.25 -18.01 10.36
CA GLY C 623 -9.95 -17.30 10.45
C GLY C 623 -9.72 -16.27 9.35
N GLY C 624 -9.90 -16.62 8.07
CA GLY C 624 -9.65 -15.66 6.97
C GLY C 624 -10.51 -15.90 5.73
N TYR C 625 -10.32 -15.09 4.67
CA TYR C 625 -11.06 -15.27 3.39
C TYR C 625 -10.11 -15.76 2.29
N THR C 626 -10.37 -16.94 1.73
CA THR C 626 -9.46 -17.60 0.74
C THR C 626 -9.20 -17.01 -0.66
N ARG C 627 -10.21 -16.49 -1.37
CA ARG C 627 -9.95 -16.20 -2.82
C ARG C 627 -9.94 -14.74 -3.28
N TRP C 628 -11.12 -14.17 -3.59
CA TRP C 628 -11.20 -12.77 -4.13
C TRP C 628 -11.71 -11.70 -3.14
N LEU C 629 -12.06 -12.03 -1.90
CA LEU C 629 -12.52 -10.94 -0.99
C LEU C 629 -11.27 -10.15 -0.60
N ARG C 630 -10.11 -10.79 -0.66
CA ARG C 630 -8.78 -10.16 -0.40
C ARG C 630 -8.61 -8.84 -1.17
N SER C 631 -8.86 -8.83 -2.49
CA SER C 631 -8.67 -7.60 -3.31
C SER C 631 -9.99 -6.91 -3.70
N LYS C 632 -11.15 -7.48 -3.36
CA LYS C 632 -12.46 -6.93 -3.85
C LYS C 632 -12.62 -5.44 -3.53
N GLU C 633 -12.52 -5.04 -2.27
CA GLU C 633 -12.72 -3.64 -1.84
C GLU C 633 -11.90 -2.72 -2.75
N ARG C 634 -10.60 -2.99 -2.87
CA ARG C 634 -9.73 -2.15 -3.68
C ARG C 634 -10.23 -2.09 -5.13
N ASN C 635 -10.67 -3.22 -5.65
CA ASN C 635 -11.24 -3.24 -7.00
C ASN C 635 -12.47 -2.34 -7.09
N ARG C 636 -13.35 -2.43 -6.10
CA ARG C 636 -14.55 -1.59 -6.06
C ARG C 636 -14.19 -0.12 -5.96
N ALA C 637 -13.16 0.20 -5.18
CA ALA C 637 -12.71 1.59 -5.11
C ALA C 637 -12.26 2.08 -6.49
N ARG C 638 -11.53 1.24 -7.21
CA ARG C 638 -11.11 1.62 -8.56
C ARG C 638 -12.31 1.80 -9.49
N ALA C 639 -13.27 0.86 -9.43
CA ALA C 639 -14.45 0.96 -10.27
C ALA C 639 -15.26 2.21 -9.95
N LEU C 640 -15.35 2.55 -8.66
CA LEU C 640 -16.06 3.74 -8.23
C LEU C 640 -15.38 4.99 -8.77
N SER C 641 -14.05 5.04 -8.70
CA SER C 641 -13.34 6.19 -9.27
C SER C 641 -13.61 6.32 -10.76
N GLY C 642 -13.60 5.19 -11.47
CA GLY C 642 -13.91 5.22 -12.89
C GLY C 642 -15.29 5.75 -13.19
N GLU C 643 -16.29 5.25 -12.46
CA GLU C 643 -17.68 5.68 -12.70
C GLU C 643 -17.86 7.16 -12.39
N VAL C 644 -17.28 7.63 -11.28
CA VAL C 644 -17.43 9.03 -10.89
C VAL C 644 -16.78 9.93 -11.94
N THR C 645 -15.56 9.56 -12.38
CA THR C 645 -14.89 10.36 -13.40
C THR C 645 -15.69 10.38 -14.69
N ARG C 646 -16.29 9.25 -15.07
CA ARG C 646 -17.11 9.22 -16.28
C ARG C 646 -18.25 10.22 -16.19
N ALA C 647 -19.02 10.15 -15.09
CA ALA C 647 -20.16 11.04 -14.95
C ALA C 647 -19.73 12.50 -14.99
N VAL C 648 -18.69 12.84 -14.23
CA VAL C 648 -18.25 14.23 -14.13
C VAL C 648 -17.74 14.72 -15.47
N LEU C 649 -16.93 13.92 -16.15
CA LEU C 649 -16.36 14.31 -17.44
C LEU C 649 -17.46 14.50 -18.47
N ALA C 650 -18.45 13.62 -18.49
CA ALA C 650 -19.55 13.76 -19.43
C ALA C 650 -20.30 15.07 -19.19
N LEU C 651 -20.55 15.40 -17.92
CA LEU C 651 -21.25 16.65 -17.63
C LEU C 651 -20.40 17.86 -18.04
N ALA C 652 -19.10 17.84 -17.73
CA ALA C 652 -18.22 18.96 -18.07
C ALA C 652 -18.10 19.12 -19.59
N ALA C 653 -17.99 18.02 -20.32
CA ALA C 653 -17.96 18.08 -21.78
C ALA C 653 -19.28 18.58 -22.33
N GLU C 654 -20.41 18.13 -21.75
CA GLU C 654 -21.72 18.62 -22.15
C GLU C 654 -21.78 20.13 -22.07
N HIS C 655 -21.39 20.68 -20.92
CA HIS C 655 -21.57 22.10 -20.65
C HIS C 655 -20.28 22.90 -20.80
N ARG C 656 -19.19 22.26 -21.24
CA ARG C 656 -17.89 22.94 -21.36
C ARG C 656 -17.53 23.63 -20.04
N ALA C 657 -17.70 22.89 -18.95
CA ALA C 657 -17.70 23.46 -17.61
C ALA C 657 -16.55 22.90 -16.78
N PRO C 658 -15.75 23.75 -16.15
CA PRO C 658 -14.83 23.28 -15.13
C PRO C 658 -15.56 22.71 -13.92
N VAL C 659 -14.95 21.71 -13.32
CA VAL C 659 -15.53 21.01 -12.18
C VAL C 659 -15.04 21.67 -10.89
N VAL C 660 -15.89 21.67 -9.86
CA VAL C 660 -15.55 22.23 -8.56
C VAL C 660 -15.61 21.11 -7.52
N LEU C 661 -14.55 20.98 -6.72
CA LEU C 661 -14.49 19.94 -5.69
C LEU C 661 -14.23 20.58 -4.33
N ALA C 662 -14.05 19.72 -3.33
CA ALA C 662 -13.79 20.15 -1.96
C ALA C 662 -12.40 19.72 -1.54
N ASN C 663 -11.70 20.60 -0.82
CA ASN C 663 -10.35 20.30 -0.35
C ASN C 663 -10.35 19.08 0.57
N GLN C 684 -9.60 10.56 -2.73
CA GLN C 684 -8.34 10.97 -3.32
C GLN C 684 -8.13 10.34 -4.72
N PRO C 685 -8.40 9.03 -4.88
CA PRO C 685 -8.32 8.44 -6.22
C PRO C 685 -9.21 9.12 -7.25
N VAL C 686 -10.42 9.54 -6.83
CA VAL C 686 -11.33 10.23 -7.75
C VAL C 686 -10.73 11.54 -8.20
N GLN C 687 -10.20 12.32 -7.24
CA GLN C 687 -9.55 13.59 -7.57
C GLN C 687 -8.39 13.38 -8.52
N ARG C 688 -7.55 12.38 -8.24
CA ARG C 688 -6.39 12.12 -9.07
C ARG C 688 -6.78 11.72 -10.48
N ALA C 689 -7.78 10.84 -10.61
CA ALA C 689 -8.25 10.43 -11.93
C ALA C 689 -8.83 11.61 -12.70
N LEU C 690 -9.61 12.46 -12.03
CA LEU C 690 -10.21 13.60 -12.70
C LEU C 690 -9.13 14.55 -13.24
N GLU C 691 -8.14 14.86 -12.42
CA GLU C 691 -7.09 15.77 -12.89
C GLU C 691 -6.22 15.13 -13.95
N GLN C 692 -5.95 13.82 -13.85
CA GLN C 692 -5.20 13.13 -14.90
C GLN C 692 -5.94 13.22 -16.24
N LYS C 693 -7.25 12.97 -16.21
CA LYS C 693 -8.05 13.02 -17.42
C LYS C 693 -8.07 14.44 -18.01
N PHE C 694 -8.18 15.45 -17.14
CA PHE C 694 -8.23 16.81 -17.67
C PHE C 694 -6.88 17.30 -18.17
N LEU C 695 -5.78 16.83 -17.60
CA LEU C 695 -4.48 17.27 -18.11
C LEU C 695 -4.11 16.54 -19.39
N GLU C 696 -4.55 15.28 -19.56
CA GLU C 696 -4.31 14.60 -20.83
C GLU C 696 -5.02 15.29 -21.97
N ALA C 697 -6.07 16.06 -21.70
CA ALA C 697 -6.77 16.84 -22.71
C ALA C 697 -6.23 18.26 -22.84
N GLY C 698 -5.23 18.62 -22.04
CA GLY C 698 -4.72 19.98 -22.06
C GLY C 698 -5.51 20.98 -21.24
N LEU C 699 -6.19 20.52 -20.19
CA LEU C 699 -7.05 21.38 -19.38
C LEU C 699 -6.69 21.34 -17.89
N TRP C 700 -5.47 20.91 -17.56
CA TRP C 700 -4.95 20.94 -16.19
C TRP C 700 -3.43 20.83 -16.31
N GLU C 701 -2.71 21.47 -15.41
CA GLU C 701 -1.25 21.41 -15.41
C GLU C 701 -0.80 20.48 -14.28
N ALA C 702 -0.03 19.47 -14.65
CA ALA C 702 0.53 18.50 -13.71
C ALA C 702 1.41 19.21 -12.68
N PRO C 703 1.76 18.55 -11.56
CA PRO C 703 2.55 19.23 -10.53
C PRO C 703 3.86 19.77 -11.09
N LYS C 704 4.21 20.97 -10.66
CA LYS C 704 5.55 21.46 -10.93
C LYS C 704 6.50 20.83 -9.90
N ARG C 705 7.79 20.89 -10.19
CA ARG C 705 8.75 20.40 -9.20
C ARG C 705 8.66 21.29 -7.97
N LYS C 706 8.88 20.71 -6.80
CA LYS C 706 8.55 21.42 -5.54
C LYS C 706 7.05 21.73 -5.65
N GLN C 707 6.60 22.94 -5.31
CA GLN C 707 5.21 23.33 -5.52
C GLN C 707 4.28 22.29 -4.93
N LYS C 708 4.59 21.84 -3.71
CA LYS C 708 3.85 20.73 -3.12
C LYS C 708 2.37 21.08 -2.99
N PHE C 709 2.07 22.32 -2.63
CA PHE C 709 0.69 22.77 -2.64
C PHE C 709 0.17 22.76 -4.08
N PRO C 710 -1.07 22.35 -4.31
CA PRO C 710 -1.65 22.43 -5.65
C PRO C 710 -2.41 23.74 -5.83
N LYS C 711 -2.55 24.16 -7.08
CA LYS C 711 -3.40 25.31 -7.36
C LYS C 711 -4.85 24.92 -7.15
N LYS C 712 -5.63 25.80 -6.52
CA LYS C 712 -7.02 25.47 -6.24
C LYS C 712 -7.79 25.23 -7.53
N ASP C 713 -7.61 26.07 -8.54
CA ASP C 713 -8.17 25.84 -9.85
C ASP C 713 -7.06 25.76 -10.88
N ASN C 714 -7.07 24.71 -11.68
CA ASN C 714 -6.10 24.49 -12.75
C ASN C 714 -6.91 23.98 -13.94
N GLY C 715 -7.22 24.87 -14.87
CA GLY C 715 -8.16 24.53 -15.92
C GLY C 715 -9.51 24.17 -15.31
N PHE C 716 -10.04 23.02 -15.71
CA PHE C 716 -11.37 22.61 -15.25
C PHE C 716 -11.42 22.35 -13.74
N ILE C 717 -10.39 21.73 -13.17
CA ILE C 717 -10.42 21.34 -11.77
C ILE C 717 -10.35 22.57 -10.88
N LYS C 718 -11.37 22.81 -10.08
CA LYS C 718 -11.34 23.86 -9.07
C LYS C 718 -11.47 23.25 -7.67
N LEU C 719 -10.79 23.88 -6.70
CA LEU C 719 -10.74 23.37 -5.33
C LEU C 719 -11.09 24.49 -4.37
N ILE C 720 -12.03 24.22 -3.46
CA ILE C 720 -12.44 25.17 -2.44
C ILE C 720 -12.56 24.45 -1.11
N ASP C 721 -12.54 25.22 -0.03
CA ASP C 721 -12.60 24.67 1.31
C ASP C 721 -14.03 24.27 1.65
N ALA C 722 -14.19 23.04 2.15
CA ALA C 722 -15.51 22.52 2.51
C ALA C 722 -15.98 23.08 3.86
N TRP C 723 -16.16 24.39 3.88
CA TRP C 723 -16.56 25.11 5.08
C TRP C 723 -17.81 25.91 4.77
N TRP C 724 -18.84 25.76 5.63
CA TRP C 724 -20.12 26.43 5.45
C TRP C 724 -20.76 26.04 4.12
N THR C 725 -20.67 24.76 3.78
CA THR C 725 -21.21 24.24 2.52
C THR C 725 -22.37 23.28 2.72
N SER C 726 -22.18 22.24 3.52
CA SER C 726 -23.21 21.23 3.73
C SER C 726 -24.21 21.61 4.82
N ARG C 727 -24.03 22.77 5.45
CA ARG C 727 -24.93 23.21 6.52
C ARG C 727 -25.90 24.29 6.09
N THR C 728 -25.47 25.21 5.23
CA THR C 728 -26.35 26.31 4.81
C THR C 728 -27.54 25.78 4.03
N CYS C 729 -28.72 26.28 4.38
CA CYS C 729 -29.94 25.85 3.70
C CYS C 729 -29.96 26.34 2.26
N SER C 730 -30.42 25.47 1.35
CA SER C 730 -30.49 25.84 -0.05
C SER C 730 -31.52 26.94 -0.30
N GLN C 731 -32.70 26.81 0.31
CA GLN C 731 -33.78 27.76 0.05
C GLN C 731 -33.58 29.08 0.76
N CYS C 732 -32.79 29.06 1.84
CA CYS C 732 -32.55 30.30 2.63
C CYS C 732 -31.05 30.54 2.81
N GLY C 733 -30.32 29.56 3.34
CA GLY C 733 -28.88 29.77 3.63
C GLY C 733 -28.65 29.91 5.11
N ASN C 734 -28.39 28.79 5.81
CA ASN C 734 -28.13 28.84 7.27
C ASN C 734 -26.94 27.92 7.61
N ASN C 824 -30.46 12.46 4.87
CA ASN C 824 -31.34 13.49 4.36
C ASN C 824 -31.19 14.78 5.16
N PHE C 825 -31.28 15.92 4.47
CA PHE C 825 -31.09 17.23 5.07
C PHE C 825 -32.44 17.89 5.33
N ARG C 826 -32.58 18.49 6.51
CA ARG C 826 -33.78 19.22 6.88
C ARG C 826 -33.38 20.54 7.52
N CYS C 827 -33.87 21.65 6.96
CA CYS C 827 -33.56 22.97 7.49
C CYS C 827 -34.43 23.28 8.70
N LEU C 828 -33.89 24.08 9.61
CA LEU C 828 -34.61 24.47 10.81
C LEU C 828 -35.19 25.87 10.75
N LYS C 829 -34.55 26.79 10.02
CA LYS C 829 -35.04 28.16 9.95
C LYS C 829 -36.22 28.31 8.99
N CYS C 830 -36.45 27.30 8.14
CA CYS C 830 -37.55 27.38 7.14
C CYS C 830 -38.32 26.06 7.07
N GLY C 831 -37.71 24.95 7.50
CA GLY C 831 -38.36 23.66 7.39
C GLY C 831 -38.15 22.92 6.09
N TYR C 832 -37.30 23.43 5.20
CA TYR C 832 -37.03 22.74 3.94
C TYR C 832 -36.38 21.39 4.20
N GLU C 833 -36.65 20.44 3.31
CA GLU C 833 -36.05 19.11 3.40
C GLU C 833 -35.71 18.63 2.00
N THR C 834 -34.50 18.10 1.84
CA THR C 834 -34.02 17.62 0.55
C THR C 834 -32.83 16.70 0.79
N ASN C 835 -32.21 16.25 -0.30
CA ASN C 835 -31.07 15.35 -0.20
C ASN C 835 -29.83 16.12 0.22
N ALA C 836 -29.10 15.57 1.21
CA ALA C 836 -27.91 16.25 1.71
C ALA C 836 -26.82 16.35 0.66
N ALA C 837 -26.61 15.27 -0.10
CA ALA C 837 -25.53 15.26 -1.08
C ALA C 837 -25.77 16.25 -2.21
N VAL C 838 -26.99 16.26 -2.76
CA VAL C 838 -27.30 17.14 -3.88
C VAL C 838 -27.24 18.61 -3.45
N GLN C 839 -27.82 18.93 -2.29
CA GLN C 839 -27.76 20.32 -1.83
C GLN C 839 -26.33 20.73 -1.50
N ALA C 840 -25.53 19.80 -0.98
CA ALA C 840 -24.12 20.11 -0.73
C ALA C 840 -23.38 20.39 -2.04
N ALA C 841 -23.65 19.60 -3.09
CA ALA C 841 -23.01 19.83 -4.37
C ALA C 841 -23.40 21.17 -4.96
N LEU C 842 -24.70 21.49 -4.92
CA LEU C 842 -25.15 22.78 -5.42
C LEU C 842 -24.52 23.91 -4.64
N THR C 843 -24.41 23.76 -3.31
CA THR C 843 -23.80 24.80 -2.49
C THR C 843 -22.33 24.97 -2.81
N ILE C 844 -21.62 23.88 -3.07
CA ILE C 844 -20.20 23.98 -3.44
C ILE C 844 -20.05 24.73 -4.76
N ALA C 845 -20.88 24.37 -5.75
CA ALA C 845 -20.82 25.04 -7.04
C ALA C 845 -21.14 26.52 -6.91
N ARG C 846 -22.16 26.87 -6.12
CA ARG C 846 -22.53 28.26 -5.92
C ARG C 846 -21.59 29.01 -4.98
N LYS C 847 -20.77 28.28 -4.22
CA LYS C 847 -19.80 28.91 -3.34
C LYS C 847 -18.51 29.24 -4.06
N TYR C 848 -18.13 28.46 -5.09
CA TYR C 848 -16.97 28.86 -5.87
C TYR C 848 -17.11 30.29 -6.36
N LEU C 849 -18.33 30.67 -6.77
CA LEU C 849 -18.57 32.03 -7.26
C LEU C 849 -18.33 33.07 -6.17
N PHE C 850 -18.47 32.68 -4.90
CA PHE C 850 -18.41 33.66 -3.82
C PHE C 850 -17.03 34.32 -3.75
N GLU C 851 -15.97 33.52 -3.79
CA GLU C 851 -14.62 34.08 -3.69
C GLU C 851 -14.21 34.85 -4.93
N LEU C 852 -15.01 34.81 -6.00
CA LEU C 852 -14.68 35.59 -7.19
C LEU C 852 -14.58 37.08 -6.87
N GLU C 853 -15.51 37.60 -6.07
CA GLU C 853 -15.52 39.01 -5.71
C GLU C 853 -14.85 39.29 -4.37
N HIS C 854 -14.66 38.27 -3.53
CA HIS C 854 -14.13 38.44 -2.18
C HIS C 854 -12.97 37.46 -1.99
N PRO C 855 -11.81 37.77 -2.56
CA PRO C 855 -10.67 36.85 -2.49
C PRO C 855 -10.25 36.62 -1.05
N PRO C 856 -9.81 35.41 -0.71
CA PRO C 856 -9.36 35.13 0.65
C PRO C 856 -7.94 35.63 0.87
N LYS C 857 -7.54 35.63 2.14
CA LYS C 857 -6.21 36.08 2.54
C LYS C 857 -5.63 35.10 3.54
N LYS C 858 -4.29 35.04 3.59
CA LYS C 858 -3.61 34.18 4.54
C LYS C 858 -3.78 34.70 5.96
N GLY C 859 -3.88 33.78 6.91
CA GLY C 859 -4.10 34.10 8.30
C GLY C 859 -5.55 34.25 8.67
N GLU C 860 -6.40 34.62 7.73
CA GLU C 860 -7.83 34.78 7.94
C GLU C 860 -8.55 33.57 7.38
N LYS C 861 -9.34 32.91 8.22
CA LYS C 861 -10.06 31.70 7.82
C LYS C 861 -11.56 31.76 8.09
N ASP C 862 -12.03 32.66 8.95
CA ASP C 862 -13.43 32.73 9.32
C ASP C 862 -14.11 33.81 8.48
N ARG C 863 -14.97 33.40 7.56
CA ARG C 863 -15.65 34.30 6.64
C ARG C 863 -17.15 33.99 6.59
N ARG C 864 -17.70 33.43 7.67
CA ARG C 864 -19.10 33.00 7.64
C ARG C 864 -20.04 34.18 7.44
N LEU C 865 -19.77 35.27 8.16
CA LEU C 865 -20.64 36.48 8.04
C LEU C 865 -20.70 36.88 6.56
N LYS C 866 -19.57 37.27 5.99
CA LYS C 866 -19.53 37.69 4.56
C LYS C 866 -20.23 36.63 3.70
N TRP C 867 -19.81 35.37 3.81
CA TRP C 867 -20.38 34.35 2.93
C TRP C 867 -21.90 34.35 3.00
N GLN C 868 -22.46 34.40 4.21
CA GLN C 868 -23.91 34.44 4.35
C GLN C 868 -24.49 35.70 3.75
N ALA C 869 -23.83 36.84 3.96
CA ALA C 869 -24.31 38.10 3.40
C ALA C 869 -24.35 38.04 1.87
N TRP C 870 -23.29 37.53 1.27
CA TRP C 870 -23.26 37.40 -0.19
C TRP C 870 -24.33 36.43 -0.69
N TYR C 871 -24.49 35.31 0.01
CA TYR C 871 -25.46 34.30 -0.42
C TYR C 871 -26.87 34.85 -0.36
N GLN C 872 -27.20 35.57 0.72
CA GLN C 872 -28.54 36.13 0.85
C GLN C 872 -28.75 37.29 -0.12
N GLU C 873 -27.71 38.08 -0.38
CA GLU C 873 -27.82 39.13 -1.39
C GLU C 873 -28.12 38.55 -2.76
N LYS C 874 -27.43 37.45 -3.11
CA LYS C 874 -27.71 36.78 -4.38
C LYS C 874 -29.12 36.23 -4.40
N LEU C 875 -29.56 35.62 -3.29
CA LEU C 875 -30.90 35.04 -3.25
C LEU C 875 -31.97 36.12 -3.42
N ARG C 876 -31.78 37.28 -2.78
CA ARG C 876 -32.72 38.37 -2.96
C ARG C 876 -32.70 38.89 -4.40
N THR C 877 -31.50 39.15 -4.94
CA THR C 877 -31.40 39.62 -6.31
C THR C 877 -31.89 38.57 -7.29
N VAL C 878 -31.55 37.31 -7.06
CA VAL C 878 -31.96 36.22 -7.94
C VAL C 878 -31.91 34.90 -7.18
#